data_7SZV
#
_entry.id   7SZV
#
_cell.length_a   120.140
_cell.length_b   120.140
_cell.length_c   93.960
_cell.angle_alpha   90.000
_cell.angle_beta   90.000
_cell.angle_gamma   120.000
#
_symmetry.space_group_name_H-M   'P 64'
#
loop_
_entity.id
_entity.type
_entity.pdbx_description
1 polymer 'Acyl-CoA dehydrogenase'
2 non-polymer 'DIHYDROFLAVINE-ADENINE DINUCLEOTIDE'
3 water water
#
_entity_poly.entity_id   1
_entity_poly.type   'polypeptide(L)'
_entity_poly.pdbx_seq_one_letter_code
;MTTAISAGTLPKEYQDLRDTVADFARSVVAPVSAKHDEEHSFPYEVVAKMGEMGLFGLPFPEEYGGMGGDYFALALALEE
LGKVDQSVAITLEAGVGLGAMPIYRFGNEEQKSKWLPDLLAGRALAGFGLTEPGAGSDAGSTRTTARLDGGEWVVNGSKQ
FITNSGTDITSLVTITAVTGSIADGKKEISTIIVPSGTPGFIVEPVYNKVGWNASDTHPLSFDDARVPEENLLGIRGKGY
ANFLSILDEGRIAIAALATGVAQGCVDESVKYAKERQSFGQPIGSYQAISFKIARMEARAHVARTAYYEAAAKMLAGKPF
KKEAAIAKMISSEAAMDNARDATQVHGGYGFMNEYPVARHYRDSKILEIGEGTTEVQLMLIARSLGLS
;
_entity_poly.pdbx_strand_id   A,B
#
# COMPACT_ATOMS: atom_id res chain seq x y z
N THR A 9 5.73 -20.91 29.13
CA THR A 9 4.37 -21.40 28.91
C THR A 9 3.31 -20.42 29.41
N LEU A 10 2.21 -20.32 28.67
CA LEU A 10 1.03 -19.47 28.84
C LEU A 10 0.00 -20.18 29.73
N PRO A 11 -0.60 -19.50 30.72
CA PRO A 11 -1.60 -20.17 31.57
C PRO A 11 -2.80 -20.67 30.75
N LYS A 12 -3.54 -21.61 31.33
CA LYS A 12 -4.61 -22.30 30.60
C LYS A 12 -5.66 -21.33 30.06
N GLU A 13 -6.17 -20.43 30.91
CA GLU A 13 -7.22 -19.50 30.48
C GLU A 13 -6.79 -18.71 29.25
N TYR A 14 -5.57 -18.21 29.25
CA TYR A 14 -5.10 -17.43 28.11
C TYR A 14 -4.86 -18.30 26.88
N GLN A 15 -4.24 -19.48 27.05
CA GLN A 15 -4.03 -20.34 25.89
C GLN A 15 -5.36 -20.78 25.30
N ASP A 16 -6.37 -21.01 26.14
CA ASP A 16 -7.70 -21.36 25.65
C ASP A 16 -8.29 -20.25 24.78
N LEU A 17 -8.23 -19.01 25.26
CA LEU A 17 -8.75 -17.89 24.48
C LEU A 17 -8.00 -17.74 23.17
N ARG A 18 -6.67 -17.80 23.22
CA ARG A 18 -5.85 -17.68 22.01
C ARG A 18 -6.25 -18.75 21.00
N ASP A 19 -6.44 -19.98 21.45
CA ASP A 19 -6.80 -21.05 20.51
C ASP A 19 -8.18 -20.79 19.91
N THR A 20 -9.13 -20.32 20.72
CA THR A 20 -10.48 -20.07 20.22
C THR A 20 -10.49 -18.94 19.21
N VAL A 21 -9.81 -17.84 19.51
CA VAL A 21 -9.82 -16.75 18.56
C VAL A 21 -9.08 -17.16 17.29
N ALA A 22 -8.05 -17.99 17.40
CA ALA A 22 -7.34 -18.46 16.21
C ALA A 22 -8.25 -19.28 15.29
N ASP A 23 -9.02 -20.22 15.86
CA ASP A 23 -10.01 -20.95 15.08
C ASP A 23 -11.00 -20.00 14.45
N PHE A 24 -11.51 -19.04 15.23
CA PHE A 24 -12.40 -18.02 14.70
C PHE A 24 -11.76 -17.33 13.51
N ALA A 25 -10.51 -16.91 13.66
CA ALA A 25 -9.86 -16.15 12.62
C ALA A 25 -9.73 -16.98 11.34
N ARG A 26 -9.37 -18.26 11.48
CA ARG A 26 -9.17 -19.08 10.29
C ARG A 26 -10.51 -19.54 9.70
N SER A 27 -11.52 -19.82 10.53
CA SER A 27 -12.76 -20.38 10.04
C SER A 27 -13.78 -19.33 9.62
N VAL A 28 -13.81 -18.19 10.29
CA VAL A 28 -14.82 -17.18 10.05
C VAL A 28 -14.23 -15.94 9.38
N VAL A 29 -13.15 -15.39 9.94
CA VAL A 29 -12.67 -14.10 9.45
C VAL A 29 -11.99 -14.23 8.09
N ALA A 30 -11.04 -15.17 7.95
CA ALA A 30 -10.28 -15.28 6.71
C ALA A 30 -11.12 -15.50 5.46
N PRO A 31 -12.13 -16.40 5.43
CA PRO A 31 -12.84 -16.64 4.16
C PRO A 31 -13.51 -15.41 3.59
N VAL A 32 -13.89 -14.44 4.43
CA VAL A 32 -14.59 -13.25 3.95
C VAL A 32 -13.69 -12.04 3.92
N SER A 33 -12.42 -12.19 4.28
CA SER A 33 -11.52 -11.05 4.35
C SER A 33 -11.33 -10.40 2.98
N ALA A 34 -11.22 -11.20 1.92
CA ALA A 34 -10.97 -10.63 0.61
C ALA A 34 -12.18 -9.84 0.11
N LYS A 35 -13.39 -10.38 0.31
CA LYS A 35 -14.59 -9.69 -0.17
C LYS A 35 -14.73 -8.32 0.49
N HIS A 36 -14.58 -8.24 1.81
CA HIS A 36 -14.75 -6.97 2.51
C HIS A 36 -13.70 -5.94 2.09
N ASP A 37 -12.45 -6.38 1.88
CA ASP A 37 -11.42 -5.45 1.44
C ASP A 37 -11.75 -4.88 0.05
N GLU A 38 -12.10 -5.75 -0.90
CA GLU A 38 -12.45 -5.28 -2.22
C GLU A 38 -13.67 -4.36 -2.19
N GLU A 39 -14.67 -4.72 -1.38
CA GLU A 39 -15.92 -3.99 -1.33
C GLU A 39 -15.88 -2.76 -0.44
N HIS A 40 -14.88 -2.63 0.42
CA HIS A 40 -14.90 -1.60 1.48
C HIS A 40 -16.14 -1.77 2.35
N SER A 41 -16.56 -3.00 2.62
CA SER A 41 -17.80 -3.25 3.32
C SER A 41 -17.51 -3.62 4.77
N PHE A 42 -18.21 -2.97 5.69
CA PHE A 42 -18.00 -3.25 7.11
C PHE A 42 -18.47 -4.67 7.40
N PRO A 43 -17.67 -5.47 8.11
CA PRO A 43 -18.05 -6.89 8.39
C PRO A 43 -18.97 -7.04 9.60
N TYR A 44 -20.24 -6.65 9.43
CA TYR A 44 -21.19 -6.71 10.55
C TYR A 44 -21.32 -8.12 11.08
N GLU A 45 -21.35 -9.11 10.20
CA GLU A 45 -21.52 -10.49 10.64
C GLU A 45 -20.31 -10.98 11.43
N VAL A 46 -19.12 -10.45 11.13
CA VAL A 46 -17.95 -10.78 11.94
C VAL A 46 -18.01 -10.05 13.28
N VAL A 47 -18.39 -8.78 13.26
CA VAL A 47 -18.47 -8.02 14.50
C VAL A 47 -19.53 -8.62 15.42
N ALA A 48 -20.65 -9.09 14.85
CA ALA A 48 -21.66 -9.76 15.69
C ALA A 48 -21.13 -11.07 16.28
N LYS A 49 -20.34 -11.83 15.52
CA LYS A 49 -19.78 -13.06 16.08
C LYS A 49 -18.74 -12.78 17.16
N MET A 50 -17.92 -11.73 16.99
CA MET A 50 -16.96 -11.35 18.02
C MET A 50 -17.68 -10.89 19.29
N GLY A 51 -18.79 -10.15 19.13
CA GLY A 51 -19.55 -9.69 20.28
C GLY A 51 -20.11 -10.83 21.09
N GLU A 52 -20.67 -11.86 20.43
CA GLU A 52 -21.18 -13.00 21.17
C GLU A 52 -20.05 -13.82 21.80
N MET A 53 -18.87 -13.80 21.19
CA MET A 53 -17.73 -14.45 21.81
C MET A 53 -17.27 -13.76 23.08
N GLY A 54 -17.69 -12.49 23.28
CA GLY A 54 -17.31 -11.69 24.42
C GLY A 54 -16.10 -10.82 24.22
N LEU A 55 -15.53 -10.79 23.01
CA LEU A 55 -14.26 -10.11 22.79
C LEU A 55 -14.34 -8.62 23.08
N PHE A 56 -15.49 -7.99 22.81
CA PHE A 56 -15.59 -6.56 23.12
C PHE A 56 -15.75 -6.31 24.60
N GLY A 57 -16.06 -7.35 25.39
CA GLY A 57 -16.17 -7.22 26.81
C GLY A 57 -15.05 -7.86 27.59
N LEU A 58 -14.00 -8.36 26.91
CA LEU A 58 -12.90 -9.06 27.56
C LEU A 58 -12.25 -8.28 28.71
N PRO A 59 -11.89 -6.99 28.58
CA PRO A 59 -11.23 -6.31 29.71
C PRO A 59 -12.17 -5.54 30.63
N PHE A 60 -13.43 -5.94 30.73
CA PHE A 60 -14.38 -5.17 31.54
C PHE A 60 -15.07 -6.08 32.54
N PRO A 61 -15.37 -5.58 33.74
CA PRO A 61 -16.00 -6.44 34.75
C PRO A 61 -17.38 -6.90 34.34
N GLU A 62 -17.80 -8.05 34.91
CA GLU A 62 -19.11 -8.62 34.61
C GLU A 62 -20.25 -7.65 34.88
N GLU A 63 -20.06 -6.74 35.84
CA GLU A 63 -21.15 -5.86 36.28
CA GLU A 63 -21.14 -5.87 36.28
C GLU A 63 -21.76 -5.12 35.11
N TYR A 64 -20.93 -4.67 34.17
CA TYR A 64 -21.39 -3.84 33.06
C TYR A 64 -21.64 -4.65 31.80
N GLY A 65 -21.53 -5.97 31.88
CA GLY A 65 -21.69 -6.85 30.74
C GLY A 65 -20.40 -7.48 30.24
N GLY A 66 -19.26 -7.18 30.86
CA GLY A 66 -18.00 -7.70 30.39
C GLY A 66 -17.69 -9.12 30.82
N MET A 67 -16.52 -9.60 30.40
CA MET A 67 -16.08 -10.97 30.61
C MET A 67 -15.19 -11.15 31.84
N GLY A 68 -14.90 -10.08 32.58
CA GLY A 68 -14.01 -10.15 33.72
C GLY A 68 -12.58 -10.51 33.40
N GLY A 69 -12.09 -10.18 32.21
CA GLY A 69 -10.72 -10.47 31.83
C GLY A 69 -9.83 -9.25 31.95
N ASP A 70 -8.87 -9.12 31.04
CA ASP A 70 -7.91 -8.03 31.11
C ASP A 70 -7.50 -7.65 29.70
N TYR A 71 -6.62 -6.65 29.59
CA TYR A 71 -6.15 -6.23 28.28
C TYR A 71 -5.21 -7.23 27.65
N PHE A 72 -4.56 -8.07 28.46
CA PHE A 72 -3.68 -9.06 27.85
C PHE A 72 -4.47 -10.09 27.08
N ALA A 73 -5.60 -10.56 27.66
CA ALA A 73 -6.47 -11.47 26.93
C ALA A 73 -6.94 -10.84 25.63
N LEU A 74 -7.33 -9.56 25.67
CA LEU A 74 -7.69 -8.85 24.45
C LEU A 74 -6.50 -8.77 23.49
N ALA A 75 -5.30 -8.50 24.01
CA ALA A 75 -4.13 -8.46 23.15
C ALA A 75 -3.91 -9.81 22.47
N LEU A 76 -4.04 -10.90 23.23
CA LEU A 76 -3.92 -12.21 22.61
C LEU A 76 -4.91 -12.37 21.46
N ALA A 77 -6.15 -11.93 21.66
CA ALA A 77 -7.15 -12.06 20.61
C ALA A 77 -6.79 -11.18 19.42
N LEU A 78 -6.30 -9.97 19.67
CA LEU A 78 -5.96 -9.09 18.56
C LEU A 78 -4.79 -9.64 17.74
N GLU A 79 -3.81 -10.28 18.39
CA GLU A 79 -2.75 -10.90 17.61
C GLU A 79 -3.31 -11.93 16.62
N GLU A 80 -4.26 -12.77 17.09
CA GLU A 80 -4.84 -13.78 16.21
C GLU A 80 -5.68 -13.16 15.10
N LEU A 81 -6.40 -12.07 15.38
CA LEU A 81 -7.17 -11.42 14.32
C LEU A 81 -6.24 -10.68 13.34
N GLY A 82 -5.16 -10.06 13.87
CA GLY A 82 -4.25 -9.34 13.01
C GLY A 82 -3.58 -10.19 11.95
N LYS A 83 -3.33 -11.48 12.26
CA LYS A 83 -2.72 -12.41 11.31
C LYS A 83 -3.47 -12.45 9.99
N VAL A 84 -4.77 -12.21 10.04
CA VAL A 84 -5.71 -12.58 8.99
C VAL A 84 -6.36 -11.34 8.37
N ASP A 85 -6.84 -10.40 9.20
CA ASP A 85 -7.55 -9.23 8.68
C ASP A 85 -7.40 -8.06 9.64
N GLN A 86 -6.63 -7.05 9.24
CA GLN A 86 -6.36 -5.93 10.14
C GLN A 86 -7.61 -5.09 10.39
N SER A 87 -8.48 -4.93 9.38
CA SER A 87 -9.69 -4.14 9.57
C SER A 87 -10.56 -4.73 10.67
N VAL A 88 -10.68 -6.06 10.72
CA VAL A 88 -11.47 -6.69 11.78
C VAL A 88 -10.78 -6.51 13.12
N ALA A 89 -9.46 -6.66 13.15
CA ALA A 89 -8.73 -6.49 14.41
C ALA A 89 -8.84 -5.07 14.92
N ILE A 90 -8.67 -4.07 14.06
CA ILE A 90 -8.72 -2.70 14.54
C ILE A 90 -10.15 -2.30 14.90
N THR A 91 -11.15 -2.97 14.32
CA THR A 91 -12.52 -2.66 14.74
C THR A 91 -12.72 -3.04 16.20
N LEU A 92 -12.21 -4.22 16.58
CA LEU A 92 -12.24 -4.65 17.97
C LEU A 92 -11.38 -3.73 18.85
N GLU A 93 -10.15 -3.50 18.43
CA GLU A 93 -9.23 -2.70 19.24
C GLU A 93 -9.78 -1.29 19.48
N ALA A 94 -10.30 -0.66 18.44
CA ALA A 94 -10.79 0.71 18.59
C ALA A 94 -12.11 0.74 19.33
N GLY A 95 -12.95 -0.26 19.08
CA GLY A 95 -14.21 -0.36 19.80
C GLY A 95 -13.99 -0.39 21.30
N VAL A 96 -13.06 -1.25 21.76
CA VAL A 96 -12.80 -1.37 23.19
C VAL A 96 -12.07 -0.13 23.70
N GLY A 97 -10.95 0.22 23.06
CA GLY A 97 -10.04 1.20 23.62
C GLY A 97 -10.53 2.62 23.50
N LEU A 98 -11.21 2.91 22.39
CA LEU A 98 -11.71 4.25 22.14
C LEU A 98 -13.22 4.38 22.31
N GLY A 99 -13.96 3.27 22.30
CA GLY A 99 -15.38 3.39 22.48
C GLY A 99 -15.81 3.15 23.91
N ALA A 100 -15.58 1.93 24.41
CA ALA A 100 -16.07 1.57 25.73
C ALA A 100 -15.16 2.09 26.83
N MET A 101 -13.84 2.00 26.66
CA MET A 101 -12.93 2.35 27.75
C MET A 101 -13.10 3.75 28.30
N PRO A 102 -13.28 4.80 27.48
CA PRO A 102 -13.44 6.14 28.07
C PRO A 102 -14.70 6.30 28.89
N ILE A 103 -15.75 5.52 28.58
CA ILE A 103 -16.97 5.57 29.37
C ILE A 103 -16.84 4.71 30.62
N TYR A 104 -16.17 3.56 30.51
CA TYR A 104 -15.96 2.72 31.68
C TYR A 104 -15.03 3.40 32.68
N ARG A 105 -13.99 4.10 32.20
CA ARG A 105 -12.99 4.63 33.11
C ARG A 105 -13.29 6.01 33.65
N PHE A 106 -14.16 6.79 33.00
CA PHE A 106 -14.39 8.16 33.44
C PHE A 106 -15.86 8.57 33.50
N GLY A 107 -16.80 7.64 33.36
CA GLY A 107 -18.21 7.96 33.30
C GLY A 107 -18.85 7.52 34.60
N ASN A 108 -19.93 8.22 34.99
CA ASN A 108 -20.63 7.88 36.22
C ASN A 108 -21.44 6.59 36.04
N GLU A 109 -22.13 6.20 37.13
CA GLU A 109 -22.94 4.99 37.11
C GLU A 109 -24.00 5.01 36.01
N GLU A 110 -24.63 6.15 35.78
CA GLU A 110 -25.68 6.22 34.77
C GLU A 110 -25.10 6.05 33.38
N GLN A 111 -24.03 6.78 33.07
CA GLN A 111 -23.40 6.69 31.76
C GLN A 111 -22.97 5.26 31.47
N LYS A 112 -22.36 4.59 32.45
CA LYS A 112 -21.91 3.21 32.27
C LYS A 112 -23.08 2.26 32.04
N SER A 113 -24.14 2.38 32.84
CA SER A 113 -25.30 1.48 32.70
C SER A 113 -26.09 1.74 31.44
N LYS A 114 -26.04 2.96 30.90
CA LYS A 114 -26.81 3.23 29.70
C LYS A 114 -26.08 2.81 28.42
N TRP A 115 -24.75 2.89 28.40
CA TRP A 115 -23.97 2.72 27.17
CA TRP A 115 -24.04 2.67 27.14
C TRP A 115 -23.11 1.47 27.13
N LEU A 116 -22.59 1.00 28.27
CA LEU A 116 -21.64 -0.10 28.22
C LEU A 116 -22.21 -1.46 27.81
N PRO A 117 -23.42 -1.86 28.22
CA PRO A 117 -23.89 -3.22 27.86
C PRO A 117 -23.92 -3.51 26.37
N ASP A 118 -24.40 -2.58 25.54
CA ASP A 118 -24.38 -2.82 24.09
C ASP A 118 -22.96 -2.83 23.54
N LEU A 119 -22.11 -1.89 23.98
CA LEU A 119 -20.73 -1.90 23.51
C LEU A 119 -20.01 -3.17 23.93
N LEU A 120 -20.08 -3.51 25.22
CA LEU A 120 -19.35 -4.67 25.73
C LEU A 120 -19.83 -5.98 25.11
N ALA A 121 -21.07 -6.03 24.63
CA ALA A 121 -21.59 -7.22 24.00
C ALA A 121 -21.53 -7.16 22.47
N GLY A 122 -20.94 -6.12 21.91
CA GLY A 122 -20.83 -6.05 20.45
C GLY A 122 -22.10 -5.72 19.69
N ARG A 123 -23.21 -5.42 20.38
CA ARG A 123 -24.44 -4.99 19.71
C ARG A 123 -24.36 -3.57 19.18
N ALA A 124 -23.38 -2.78 19.64
CA ALA A 124 -23.19 -1.43 19.17
C ALA A 124 -21.69 -1.12 19.21
N LEU A 125 -21.31 -0.07 18.48
CA LEU A 125 -19.93 0.38 18.43
C LEU A 125 -19.89 1.85 18.83
N ALA A 126 -18.78 2.24 19.43
CA ALA A 126 -18.61 3.61 19.85
C ALA A 126 -17.29 4.14 19.32
N GLY A 127 -17.22 5.45 19.10
CA GLY A 127 -16.00 6.05 18.62
C GLY A 127 -15.57 7.18 19.53
N PHE A 128 -14.32 7.57 19.37
CA PHE A 128 -13.70 8.67 20.08
C PHE A 128 -13.26 9.69 19.04
N GLY A 129 -13.79 10.91 19.14
CA GLY A 129 -13.46 11.96 18.20
C GLY A 129 -12.57 13.03 18.80
N LEU A 130 -11.27 12.93 18.57
CA LEU A 130 -10.30 13.88 19.07
C LEU A 130 -9.67 14.68 17.94
N THR A 131 -9.06 13.98 16.98
CA THR A 131 -8.37 14.62 15.90
C THR A 131 -9.31 15.50 15.09
N GLU A 132 -8.82 16.66 14.68
CA GLU A 132 -9.54 17.63 13.89
C GLU A 132 -8.69 18.01 12.69
N PRO A 133 -9.31 18.52 11.62
CA PRO A 133 -8.54 19.02 10.46
C PRO A 133 -7.68 20.22 10.83
N GLY A 134 -6.40 20.17 10.44
CA GLY A 134 -5.48 21.27 10.67
C GLY A 134 -4.84 21.34 12.04
N ALA A 135 -5.22 20.44 12.95
CA ALA A 135 -4.78 20.46 14.34
C ALA A 135 -3.72 19.41 14.59
N GLY A 136 -2.88 19.67 15.60
CA GLY A 136 -1.80 18.77 15.94
C GLY A 136 -2.18 17.84 17.06
N SER A 137 -3.48 17.56 17.19
CA SER A 137 -4.04 16.66 18.19
C SER A 137 -3.63 17.02 19.61
N ASP A 138 -3.10 18.23 19.80
CA ASP A 138 -2.83 18.73 21.14
C ASP A 138 -4.11 19.34 21.71
N ALA A 139 -4.11 19.60 23.02
CA ALA A 139 -5.22 20.32 23.62
C ALA A 139 -5.29 21.75 23.08
N GLY A 140 -4.13 22.39 22.87
CA GLY A 140 -4.10 23.73 22.33
C GLY A 140 -4.67 23.86 20.94
N SER A 141 -4.75 22.75 20.21
CA SER A 141 -5.19 22.71 18.83
C SER A 141 -6.70 22.49 18.68
N THR A 142 -7.40 22.13 19.76
CA THR A 142 -8.80 21.72 19.70
C THR A 142 -9.68 22.94 19.42
N ARG A 143 -10.20 23.05 18.19
CA ARG A 143 -11.05 24.17 17.81
C ARG A 143 -12.54 23.87 17.89
N THR A 144 -12.92 22.65 18.25
CA THR A 144 -14.33 22.27 18.36
C THR A 144 -14.88 22.81 19.67
N THR A 145 -15.81 23.73 19.59
CA THR A 145 -16.36 24.36 20.79
C THR A 145 -17.69 23.67 21.16
N ALA A 146 -17.93 23.55 22.46
CA ALA A 146 -19.20 23.02 22.97
C ALA A 146 -19.68 24.02 24.02
N ARG A 147 -20.93 24.45 23.88
CA ARG A 147 -21.45 25.57 24.66
C ARG A 147 -22.69 25.13 25.42
N LEU A 148 -22.76 25.50 26.70
CA LEU A 148 -23.89 25.15 27.52
C LEU A 148 -24.93 26.26 27.38
N ASP A 149 -26.12 25.89 26.93
CA ASP A 149 -27.26 26.78 26.72
C ASP A 149 -28.45 26.12 27.39
N GLY A 150 -28.86 26.65 28.54
CA GLY A 150 -29.90 26.00 29.32
C GLY A 150 -29.37 24.70 29.89
N GLY A 151 -30.03 23.59 29.57
CA GLY A 151 -29.58 22.28 29.99
C GLY A 151 -28.94 21.43 28.92
N GLU A 152 -28.58 22.00 27.77
CA GLU A 152 -28.06 21.24 26.64
C GLU A 152 -26.72 21.78 26.19
N TRP A 153 -25.86 20.88 25.70
CA TRP A 153 -24.58 21.27 25.14
C TRP A 153 -24.78 21.53 23.65
N VAL A 154 -24.22 22.63 23.17
CA VAL A 154 -24.33 23.01 21.77
C VAL A 154 -22.94 22.94 21.19
N VAL A 155 -22.75 22.03 20.24
CA VAL A 155 -21.41 21.70 19.77
C VAL A 155 -21.29 22.15 18.33
N ASN A 156 -20.19 22.81 18.02
CA ASN A 156 -19.86 23.27 16.68
C ASN A 156 -18.40 22.94 16.43
N GLY A 157 -18.14 22.16 15.40
CA GLY A 157 -16.79 21.77 15.08
C GLY A 157 -16.79 20.59 14.13
N SER A 158 -15.60 19.99 14.00
CA SER A 158 -15.39 18.90 13.06
C SER A 158 -14.28 17.99 13.55
N LYS A 159 -14.46 16.68 13.33
CA LYS A 159 -13.48 15.69 13.70
C LYS A 159 -13.03 14.96 12.44
N GLN A 160 -11.82 14.40 12.49
CA GLN A 160 -11.22 13.78 11.32
C GLN A 160 -10.70 12.39 11.63
N PHE A 161 -10.88 11.46 10.69
CA PHE A 161 -10.36 10.09 10.79
C PHE A 161 -10.91 9.35 12.01
N ILE A 162 -12.23 9.36 12.20
CA ILE A 162 -12.84 8.77 13.40
C ILE A 162 -13.32 7.36 13.10
N THR A 163 -12.70 6.38 13.74
CA THR A 163 -13.02 4.97 13.53
C THR A 163 -14.36 4.63 14.17
N ASN A 164 -15.12 3.74 13.53
CA ASN A 164 -16.36 3.18 14.09
C ASN A 164 -17.42 4.25 14.33
N SER A 165 -17.33 5.38 13.65
CA SER A 165 -18.23 6.49 13.93
C SER A 165 -19.45 6.51 13.03
N GLY A 166 -19.52 5.66 12.00
CA GLY A 166 -20.65 5.72 11.09
C GLY A 166 -21.22 4.38 10.64
N THR A 167 -21.11 3.35 11.47
CA THR A 167 -21.72 2.07 11.16
C THR A 167 -23.20 2.07 11.48
N ASP A 168 -23.90 1.02 11.02
CA ASP A 168 -25.32 0.88 11.34
C ASP A 168 -25.55 0.56 12.79
N ILE A 169 -24.49 0.27 13.55
CA ILE A 169 -24.59 -0.03 14.97
C ILE A 169 -23.77 0.92 15.81
N THR A 170 -23.32 2.05 15.24
CA THR A 170 -22.65 3.05 16.06
C THR A 170 -23.68 3.77 16.91
N SER A 171 -23.50 3.74 18.24
CA SER A 171 -24.44 4.36 19.16
C SER A 171 -24.04 5.79 19.54
N LEU A 172 -22.75 6.05 19.67
CA LEU A 172 -22.30 7.36 20.13
C LEU A 172 -20.87 7.59 19.68
N VAL A 173 -20.45 8.85 19.76
CA VAL A 173 -19.06 9.24 19.56
C VAL A 173 -18.72 10.25 20.65
N THR A 174 -17.80 9.90 21.53
CA THR A 174 -17.25 10.85 22.49
C THR A 174 -16.24 11.73 21.78
N ILE A 175 -16.35 13.06 21.97
CA ILE A 175 -15.49 14.03 21.30
C ILE A 175 -14.80 14.89 22.37
N THR A 176 -13.69 15.51 21.97
CA THR A 176 -13.04 16.51 22.80
C THR A 176 -13.52 17.88 22.37
N ALA A 177 -13.76 18.76 23.35
CA ALA A 177 -14.34 20.05 23.00
C ALA A 177 -13.90 21.15 23.94
N VAL A 178 -13.63 22.33 23.37
CA VAL A 178 -13.24 23.48 24.16
C VAL A 178 -14.47 23.99 24.91
N THR A 179 -14.33 24.15 26.22
CA THR A 179 -15.43 24.59 27.09
C THR A 179 -15.01 25.61 28.16
N LYS A 187 -8.01 27.49 27.70
CA LYS A 187 -8.36 26.34 26.86
C LYS A 187 -8.92 25.17 27.68
N GLU A 188 -10.19 25.24 28.08
CA GLU A 188 -10.83 24.18 28.84
C GLU A 188 -11.36 23.11 27.89
N ILE A 189 -10.84 21.88 28.01
CA ILE A 189 -11.16 20.79 27.10
C ILE A 189 -11.93 19.70 27.85
N SER A 190 -13.18 19.47 27.46
CA SER A 190 -13.91 18.37 28.08
C SER A 190 -14.30 17.34 27.02
N THR A 191 -14.88 16.24 27.49
CA THR A 191 -15.33 15.17 26.62
C THR A 191 -16.85 15.10 26.70
N ILE A 192 -17.51 15.11 25.55
CA ILE A 192 -18.96 15.14 25.47
C ILE A 192 -19.42 13.90 24.72
N ILE A 193 -20.39 13.19 25.26
CA ILE A 193 -20.94 12.02 24.59
C ILE A 193 -22.02 12.50 23.63
N VAL A 194 -21.77 12.34 22.33
CA VAL A 194 -22.73 12.71 21.30
C VAL A 194 -23.39 11.43 20.80
N PRO A 195 -24.64 11.15 21.16
CA PRO A 195 -25.30 9.98 20.57
C PRO A 195 -25.50 10.20 19.09
N SER A 196 -25.46 9.09 18.35
CA SER A 196 -25.71 9.14 16.92
C SER A 196 -27.20 9.33 16.67
N GLY A 197 -27.51 10.18 15.70
CA GLY A 197 -28.86 10.64 15.48
C GLY A 197 -29.14 12.03 16.00
N THR A 198 -28.21 12.60 16.76
CA THR A 198 -28.34 13.97 17.24
C THR A 198 -28.43 14.93 16.05
N PRO A 199 -29.36 15.89 16.07
CA PRO A 199 -29.67 16.65 14.85
C PRO A 199 -28.49 17.36 14.20
N GLY A 200 -27.64 18.04 14.96
CA GLY A 200 -26.48 18.68 14.34
C GLY A 200 -25.37 17.74 13.90
N PHE A 201 -25.42 16.46 14.26
CA PHE A 201 -24.32 15.51 14.07
C PHE A 201 -24.42 14.86 12.69
N ILE A 202 -23.49 15.19 11.80
CA ILE A 202 -23.44 14.65 10.44
C ILE A 202 -22.22 13.73 10.32
N VAL A 203 -22.47 12.50 9.89
CA VAL A 203 -21.42 11.54 9.58
C VAL A 203 -21.16 11.65 8.08
N GLU A 204 -19.99 12.19 7.71
CA GLU A 204 -19.64 12.43 6.31
C GLU A 204 -19.21 11.12 5.65
N PRO A 205 -19.13 11.09 4.31
CA PRO A 205 -18.78 9.84 3.63
C PRO A 205 -17.38 9.35 3.96
N VAL A 206 -17.24 8.02 3.86
CA VAL A 206 -16.01 7.30 4.19
C VAL A 206 -14.83 7.88 3.42
N TYR A 207 -13.62 7.66 3.93
CA TYR A 207 -12.41 8.07 3.25
C TYR A 207 -12.00 7.03 2.24
N ASN A 208 -11.23 7.46 1.24
CA ASN A 208 -10.55 6.53 0.35
C ASN A 208 -9.15 6.32 0.93
N LYS A 209 -8.97 5.25 1.71
CA LYS A 209 -7.76 5.05 2.49
C LYS A 209 -6.83 4.04 1.82
N VAL A 210 -5.54 4.19 2.12
CA VAL A 210 -4.54 3.24 1.64
C VAL A 210 -4.92 1.82 1.98
N GLY A 211 -5.36 1.58 3.22
CA GLY A 211 -5.70 0.26 3.70
C GLY A 211 -6.77 0.33 4.77
N TRP A 212 -6.92 -0.73 5.57
CA TRP A 212 -8.05 -0.84 6.48
C TRP A 212 -9.35 -0.53 5.73
N ASN A 213 -9.48 -1.12 4.53
CA ASN A 213 -10.59 -0.74 3.64
C ASN A 213 -11.93 -1.07 4.28
N ALA A 214 -12.00 -2.19 5.01
CA ALA A 214 -13.29 -2.59 5.61
C ALA A 214 -13.61 -1.89 6.92
N SER A 215 -12.62 -1.27 7.56
CA SER A 215 -12.86 -0.62 8.84
C SER A 215 -13.57 0.71 8.60
N ASP A 216 -14.56 1.01 9.44
CA ASP A 216 -15.39 2.20 9.28
C ASP A 216 -14.62 3.45 9.72
N THR A 217 -14.49 4.43 8.82
CA THR A 217 -13.78 5.67 9.13
C THR A 217 -14.47 6.84 8.48
N HIS A 218 -14.66 7.93 9.22
CA HIS A 218 -15.48 9.03 8.73
C HIS A 218 -14.96 10.37 9.24
N PRO A 219 -15.13 11.44 8.47
CA PRO A 219 -15.07 12.78 9.07
C PRO A 219 -16.40 13.10 9.72
N LEU A 220 -16.36 13.85 10.82
CA LEU A 220 -17.56 14.23 11.55
C LEU A 220 -17.70 15.74 11.55
N SER A 221 -18.93 16.23 11.42
CA SER A 221 -19.18 17.67 11.49
C SER A 221 -20.36 17.94 12.40
N PHE A 222 -20.28 19.04 13.14
CA PHE A 222 -21.33 19.41 14.07
C PHE A 222 -21.74 20.86 13.77
N ASP A 223 -22.98 21.05 13.33
CA ASP A 223 -23.53 22.38 13.10
C ASP A 223 -24.68 22.54 14.09
N ASP A 224 -24.37 23.12 15.25
CA ASP A 224 -25.34 23.40 16.31
C ASP A 224 -26.03 22.12 16.82
N ALA A 225 -25.23 21.09 17.11
CA ALA A 225 -25.79 19.87 17.69
C ALA A 225 -26.01 20.05 19.18
N ARG A 226 -27.20 19.68 19.65
CA ARG A 226 -27.58 19.83 21.04
C ARG A 226 -27.74 18.46 21.67
N VAL A 227 -27.14 18.29 22.85
CA VAL A 227 -27.21 17.03 23.60
C VAL A 227 -27.37 17.35 25.08
N PRO A 228 -27.97 16.43 25.84
CA PRO A 228 -28.23 16.71 27.26
C PRO A 228 -26.96 17.01 28.04
N GLU A 229 -27.11 17.76 29.13
CA GLU A 229 -25.98 18.08 29.98
C GLU A 229 -25.38 16.82 30.61
N GLU A 230 -26.20 15.81 30.90
CA GLU A 230 -25.71 14.58 31.51
C GLU A 230 -24.71 13.83 30.62
N ASN A 231 -24.51 14.26 29.37
CA ASN A 231 -23.59 13.60 28.45
C ASN A 231 -22.14 14.04 28.64
N LEU A 232 -21.86 14.99 29.52
CA LEU A 232 -20.48 15.37 29.81
C LEU A 232 -19.75 14.18 30.42
N LEU A 233 -18.67 13.78 29.76
CA LEU A 233 -17.86 12.65 30.22
C LEU A 233 -16.72 13.17 31.08
N GLY A 234 -16.70 12.76 32.36
CA GLY A 234 -15.66 13.16 33.28
C GLY A 234 -15.88 14.57 33.80
N ILE A 235 -14.82 15.15 34.36
CA ILE A 235 -14.98 16.49 34.93
C ILE A 235 -14.88 17.50 33.79
N ARG A 236 -15.67 18.57 33.87
CA ARG A 236 -15.53 19.65 32.89
C ARG A 236 -14.08 20.08 32.82
N GLY A 237 -13.47 19.98 31.64
CA GLY A 237 -12.12 20.45 31.42
C GLY A 237 -11.03 19.39 31.53
N LYS A 238 -11.35 18.15 31.89
CA LYS A 238 -10.34 17.14 32.15
C LYS A 238 -10.35 15.99 31.14
N GLY A 239 -11.11 16.12 30.06
CA GLY A 239 -11.32 15.00 29.16
C GLY A 239 -10.10 14.64 28.34
N TYR A 240 -9.36 15.64 27.87
CA TYR A 240 -8.10 15.32 27.19
C TYR A 240 -7.10 14.72 28.16
N ALA A 241 -7.02 15.28 29.37
CA ALA A 241 -6.13 14.71 30.37
C ALA A 241 -6.51 13.27 30.67
N ASN A 242 -7.81 12.98 30.78
CA ASN A 242 -8.21 11.59 31.02
C ASN A 242 -7.77 10.67 29.89
N PHE A 243 -7.91 11.13 28.64
CA PHE A 243 -7.50 10.33 27.48
C PHE A 243 -6.02 10.01 27.54
N LEU A 244 -5.19 11.01 27.88
CA LEU A 244 -3.75 10.81 27.97
C LEU A 244 -3.38 9.75 28.99
N SER A 245 -4.18 9.60 30.03
CA SER A 245 -3.88 8.71 31.14
C SER A 245 -4.13 7.23 30.87
N ILE A 246 -4.88 6.87 29.83
CA ILE A 246 -5.19 5.46 29.55
C ILE A 246 -4.63 5.02 28.21
N LEU A 247 -3.62 5.71 27.71
CA LEU A 247 -3.14 5.41 26.38
C LEU A 247 -2.33 4.13 26.32
N ASP A 248 -1.67 3.75 27.41
CA ASP A 248 -0.66 2.69 27.32
C ASP A 248 -1.26 1.33 26.99
N GLU A 249 -2.48 1.02 27.46
CA GLU A 249 -3.09 -0.28 27.16
C GLU A 249 -3.31 -0.44 25.66
N GLY A 250 -3.65 0.65 24.97
CA GLY A 250 -3.86 0.57 23.54
C GLY A 250 -2.57 0.37 22.78
N ARG A 251 -1.46 0.89 23.30
CA ARG A 251 -0.15 0.62 22.71
C ARG A 251 0.16 -0.86 22.76
N ILE A 252 -0.12 -1.49 23.91
CA ILE A 252 0.05 -2.93 24.03
C ILE A 252 -0.89 -3.66 23.07
N ALA A 253 -2.15 -3.24 23.02
CA ALA A 253 -3.13 -3.90 22.18
C ALA A 253 -2.73 -3.87 20.72
N ILE A 254 -2.26 -2.71 20.24
CA ILE A 254 -1.90 -2.62 18.84
C ILE A 254 -0.52 -3.21 18.56
N ALA A 255 0.37 -3.28 19.55
CA ALA A 255 1.59 -4.04 19.35
C ALA A 255 1.25 -5.50 19.10
N ALA A 256 0.22 -6.00 19.80
CA ALA A 256 -0.20 -7.37 19.61
C ALA A 256 -0.78 -7.56 18.22
N LEU A 257 -1.60 -6.60 17.77
CA LEU A 257 -2.15 -6.66 16.42
C LEU A 257 -1.03 -6.67 15.40
N ALA A 258 -0.07 -5.74 15.51
CA ALA A 258 1.03 -5.67 14.56
C ALA A 258 1.88 -6.91 14.61
N THR A 259 2.02 -7.49 15.81
CA THR A 259 2.72 -8.76 15.96
C THR A 259 2.03 -9.85 15.15
N GLY A 260 0.69 -9.90 15.22
CA GLY A 260 -0.05 -10.86 14.41
C GLY A 260 0.14 -10.63 12.92
N VAL A 261 0.07 -9.38 12.48
CA VAL A 261 0.37 -9.07 11.10
C VAL A 261 1.74 -9.65 10.73
N ALA A 262 2.74 -9.40 11.58
CA ALA A 262 4.10 -9.89 11.28
C ALA A 262 4.09 -11.40 11.17
N GLN A 263 3.36 -12.08 12.06
CA GLN A 263 3.30 -13.52 12.03
C GLN A 263 2.51 -14.03 10.83
N GLY A 264 1.41 -13.34 10.50
CA GLY A 264 0.62 -13.73 9.34
C GLY A 264 1.44 -13.73 8.06
N CYS A 265 2.30 -12.70 7.91
CA CYS A 265 3.17 -12.59 6.75
C CYS A 265 4.15 -13.75 6.67
N VAL A 266 4.69 -14.16 7.81
CA VAL A 266 5.52 -15.37 7.86
C VAL A 266 4.70 -16.57 7.42
N ASP A 267 3.56 -16.81 8.08
CA ASP A 267 2.76 -18.01 7.79
C ASP A 267 2.48 -18.13 6.30
N GLU A 268 2.01 -17.04 5.70
CA GLU A 268 1.68 -17.06 4.28
C GLU A 268 2.91 -17.31 3.42
N SER A 269 4.02 -16.65 3.75
CA SER A 269 5.24 -16.81 2.95
C SER A 269 5.76 -18.23 3.05
N VAL A 270 5.63 -18.85 4.22
CA VAL A 270 6.06 -20.23 4.37
C VAL A 270 5.22 -21.16 3.49
N LYS A 271 3.89 -21.03 3.54
CA LYS A 271 3.05 -21.87 2.68
C LYS A 271 3.34 -21.59 1.21
N TYR A 272 3.46 -20.31 0.84
CA TYR A 272 3.70 -20.01 -0.58
C TYR A 272 5.08 -20.50 -1.01
N ALA A 273 6.08 -20.39 -0.12
CA ALA A 273 7.43 -20.81 -0.46
C ALA A 273 7.56 -22.32 -0.62
N LYS A 274 6.69 -23.11 -0.01
CA LYS A 274 6.80 -24.56 -0.18
C LYS A 274 6.14 -25.04 -1.47
N GLU A 275 5.14 -24.30 -1.98
CA GLU A 275 4.44 -24.69 -3.21
C GLU A 275 5.07 -24.08 -4.47
N ARG A 276 5.30 -22.77 -4.48
CA ARG A 276 5.72 -22.10 -5.72
C ARG A 276 7.10 -22.56 -6.15
N GLN A 277 7.24 -22.87 -7.45
CA GLN A 277 8.42 -23.47 -8.04
C GLN A 277 9.24 -22.45 -8.84
N SER A 278 10.55 -22.70 -8.89
CA SER A 278 11.47 -21.91 -9.71
C SER A 278 12.62 -22.82 -10.11
N PHE A 279 12.77 -23.08 -11.41
CA PHE A 279 13.85 -23.94 -11.92
C PHE A 279 13.82 -25.33 -11.29
N GLY A 280 12.62 -25.84 -11.02
CA GLY A 280 12.43 -27.21 -10.61
C GLY A 280 12.34 -27.47 -9.11
N GLN A 281 12.68 -26.49 -8.27
CA GLN A 281 12.58 -26.62 -6.82
C GLN A 281 11.71 -25.51 -6.26
N PRO A 282 10.99 -25.75 -5.16
CA PRO A 282 10.20 -24.67 -4.55
C PRO A 282 11.11 -23.51 -4.16
N ILE A 283 10.57 -22.28 -4.27
CA ILE A 283 11.40 -21.10 -4.07
C ILE A 283 11.97 -21.07 -2.66
N GLY A 284 11.34 -21.77 -1.71
CA GLY A 284 11.84 -21.91 -0.35
C GLY A 284 13.11 -22.72 -0.19
N SER A 285 13.55 -23.42 -1.24
CA SER A 285 14.82 -24.14 -1.26
C SER A 285 16.02 -23.21 -1.44
N TYR A 286 15.80 -22.00 -1.93
CA TYR A 286 16.87 -21.04 -2.13
C TYR A 286 17.06 -20.18 -0.88
N GLN A 287 18.32 -20.04 -0.47
CA GLN A 287 18.64 -19.29 0.74
C GLN A 287 18.08 -17.90 0.69
N ALA A 288 18.06 -17.25 -0.47
CA ALA A 288 17.55 -15.88 -0.53
C ALA A 288 16.11 -15.81 -0.04
N ILE A 289 15.33 -16.84 -0.30
CA ILE A 289 13.95 -16.86 0.17
C ILE A 289 13.85 -17.43 1.58
N SER A 290 14.55 -18.53 1.85
CA SER A 290 14.40 -19.16 3.17
C SER A 290 15.03 -18.30 4.27
N PHE A 291 16.15 -17.63 3.99
CA PHE A 291 16.75 -16.76 5.02
C PHE A 291 15.88 -15.54 5.25
N LYS A 292 15.33 -14.97 4.18
CA LYS A 292 14.42 -13.84 4.34
C LYS A 292 13.22 -14.22 5.20
N ILE A 293 12.66 -15.42 4.97
CA ILE A 293 11.53 -15.84 5.78
C ILE A 293 11.97 -16.15 7.21
N ALA A 294 13.18 -16.70 7.38
CA ALA A 294 13.65 -16.95 8.74
C ALA A 294 13.83 -15.66 9.51
N ARG A 295 14.40 -14.64 8.87
CA ARG A 295 14.49 -13.35 9.53
C ARG A 295 13.11 -12.81 9.85
N MET A 296 12.15 -12.98 8.94
CA MET A 296 10.79 -12.52 9.22
C MET A 296 10.28 -13.17 10.50
N GLU A 297 10.58 -14.46 10.65
CA GLU A 297 10.11 -15.20 11.83
C GLU A 297 10.80 -14.70 13.08
N ALA A 298 12.08 -14.33 12.98
CA ALA A 298 12.75 -13.75 14.12
C ALA A 298 12.09 -12.43 14.52
N ARG A 299 11.77 -11.56 13.54
CA ARG A 299 11.15 -10.28 13.88
C ARG A 299 9.83 -10.47 14.61
N ALA A 300 8.99 -11.40 14.14
CA ALA A 300 7.70 -11.58 14.79
C ALA A 300 7.86 -12.12 16.21
N HIS A 301 8.82 -13.02 16.42
CA HIS A 301 9.03 -13.62 17.73
C HIS A 301 9.45 -12.57 18.78
N VAL A 302 10.45 -11.73 18.46
CA VAL A 302 10.90 -10.74 19.42
C VAL A 302 9.85 -9.64 19.59
N ALA A 303 9.09 -9.33 18.52
CA ALA A 303 7.94 -8.47 18.74
C ALA A 303 7.01 -9.10 19.77
N ARG A 304 6.79 -10.42 19.70
CA ARG A 304 5.86 -11.07 20.62
C ARG A 304 6.43 -11.09 22.03
N THR A 305 7.73 -11.36 22.19
CA THR A 305 8.29 -11.31 23.53
C THR A 305 8.22 -9.89 24.09
N ALA A 306 8.39 -8.88 23.24
CA ALA A 306 8.33 -7.49 23.69
C ALA A 306 6.95 -7.17 24.28
N TYR A 307 5.87 -7.49 23.57
CA TYR A 307 4.58 -7.07 24.07
C TYR A 307 4.07 -7.99 25.17
N TYR A 308 4.52 -9.26 25.20
CA TYR A 308 4.25 -10.11 26.35
C TYR A 308 4.84 -9.51 27.62
N GLU A 309 6.08 -9.02 27.53
CA GLU A 309 6.68 -8.42 28.71
C GLU A 309 5.93 -7.17 29.12
N ALA A 310 5.54 -6.33 28.16
CA ALA A 310 4.78 -5.13 28.50
C ALA A 310 3.48 -5.51 29.23
N ALA A 311 2.71 -6.45 28.67
CA ALA A 311 1.49 -6.89 29.33
C ALA A 311 1.78 -7.53 30.67
N ALA A 312 2.87 -8.29 30.80
CA ALA A 312 3.16 -8.93 32.08
C ALA A 312 3.32 -7.87 33.16
N LYS A 313 4.05 -6.80 32.84
CA LYS A 313 4.25 -5.74 33.82
C LYS A 313 2.93 -5.06 34.14
N MET A 314 2.13 -4.80 33.10
CA MET A 314 0.81 -4.21 33.30
C MET A 314 0.00 -5.06 34.26
N LEU A 315 -0.01 -6.39 34.03
CA LEU A 315 -0.80 -7.28 34.87
C LEU A 315 -0.26 -7.35 36.29
N ALA A 316 1.04 -7.20 36.48
CA ALA A 316 1.58 -7.19 37.82
C ALA A 316 1.35 -5.86 38.54
N GLY A 317 0.72 -4.89 37.89
CA GLY A 317 0.51 -3.58 38.48
C GLY A 317 1.72 -2.67 38.42
N LYS A 318 2.75 -3.05 37.71
CA LYS A 318 4.00 -2.34 37.56
C LYS A 318 3.91 -1.30 36.44
N PRO A 319 4.83 -0.34 36.41
CA PRO A 319 4.86 0.59 35.29
C PRO A 319 5.10 -0.17 33.98
N PHE A 320 4.38 0.24 32.95
CA PHE A 320 4.51 -0.43 31.67
C PHE A 320 4.46 0.56 30.50
N LYS A 321 4.52 1.86 30.77
CA LYS A 321 4.49 2.86 29.70
C LYS A 321 5.68 2.71 28.76
N LYS A 322 6.89 2.64 29.31
CA LYS A 322 8.07 2.50 28.46
C LYS A 322 8.05 1.18 27.69
N GLU A 323 7.71 0.08 28.38
CA GLU A 323 7.69 -1.23 27.72
C GLU A 323 6.63 -1.28 26.62
N ALA A 324 5.47 -0.67 26.86
CA ALA A 324 4.45 -0.66 25.82
C ALA A 324 4.94 0.15 24.63
N ALA A 325 5.57 1.30 24.89
CA ALA A 325 6.01 2.14 23.78
C ALA A 325 7.01 1.40 22.91
N ILE A 326 7.95 0.70 23.53
CA ILE A 326 8.88 -0.13 22.78
C ILE A 326 8.13 -1.24 22.03
N ALA A 327 7.24 -1.95 22.73
CA ALA A 327 6.50 -3.03 22.06
C ALA A 327 5.78 -2.52 20.81
N LYS A 328 5.12 -1.37 20.90
CA LYS A 328 4.35 -0.83 19.80
C LYS A 328 5.25 -0.43 18.63
N MET A 329 6.33 0.30 18.92
CA MET A 329 7.24 0.69 17.85
C MET A 329 7.83 -0.53 17.14
N ILE A 330 8.41 -1.45 17.90
CA ILE A 330 9.09 -2.61 17.33
C ILE A 330 8.09 -3.49 16.57
N SER A 331 6.90 -3.67 17.12
CA SER A 331 5.84 -4.44 16.48
C SER A 331 5.45 -3.85 15.14
N SER A 332 5.15 -2.55 15.13
CA SER A 332 4.73 -1.89 13.91
C SER A 332 5.79 -2.01 12.82
N GLU A 333 7.07 -1.98 13.21
CA GLU A 333 8.16 -2.14 12.24
C GLU A 333 8.31 -3.59 11.83
N ALA A 334 7.97 -4.54 12.71
CA ALA A 334 7.99 -5.92 12.29
C ALA A 334 6.86 -6.19 11.29
N ALA A 335 5.70 -5.55 11.49
CA ALA A 335 4.64 -5.71 10.50
C ALA A 335 5.06 -5.13 9.16
N MET A 336 5.54 -3.87 9.15
CA MET A 336 5.94 -3.23 7.88
C MET A 336 7.04 -4.01 7.17
N ASP A 337 8.10 -4.38 7.91
CA ASP A 337 9.18 -5.13 7.29
C ASP A 337 8.68 -6.50 6.77
N ASN A 338 7.88 -7.22 7.57
CA ASN A 338 7.44 -8.55 7.13
C ASN A 338 6.47 -8.48 5.96
N ALA A 339 5.68 -7.40 5.87
CA ALA A 339 4.80 -7.24 4.71
C ALA A 339 5.59 -6.96 3.44
N ARG A 340 6.64 -6.16 3.53
CA ARG A 340 7.46 -5.93 2.36
C ARG A 340 8.20 -7.20 1.97
N ASP A 341 8.60 -8.02 2.93
CA ASP A 341 9.30 -9.25 2.57
C ASP A 341 8.32 -10.30 2.05
N ALA A 342 7.14 -10.41 2.68
CA ALA A 342 6.16 -11.40 2.28
C ALA A 342 5.64 -11.13 0.88
N THR A 343 5.41 -9.86 0.53
CA THR A 343 5.00 -9.58 -0.84
C THR A 343 6.14 -9.89 -1.81
N GLN A 344 7.39 -9.68 -1.38
CA GLN A 344 8.51 -10.07 -2.23
C GLN A 344 8.52 -11.57 -2.48
N VAL A 345 8.33 -12.35 -1.41
CA VAL A 345 8.31 -13.80 -1.54
C VAL A 345 7.22 -14.24 -2.51
N HIS A 346 6.06 -13.55 -2.46
CA HIS A 346 4.96 -13.92 -3.34
C HIS A 346 5.14 -13.39 -4.76
N GLY A 347 6.15 -12.58 -5.02
CA GLY A 347 6.40 -12.13 -6.39
C GLY A 347 5.25 -11.30 -6.90
N GLY A 348 4.89 -11.53 -8.16
CA GLY A 348 3.77 -10.80 -8.73
C GLY A 348 2.49 -10.91 -7.91
N TYR A 349 2.26 -12.07 -7.27
CA TYR A 349 1.06 -12.21 -6.46
C TYR A 349 1.05 -11.26 -5.27
N GLY A 350 2.23 -10.86 -4.78
CA GLY A 350 2.33 -9.88 -3.71
C GLY A 350 1.75 -8.51 -4.05
N PHE A 351 1.46 -8.27 -5.32
CA PHE A 351 0.86 -7.02 -5.77
C PHE A 351 -0.63 -7.17 -6.08
N MET A 352 -1.27 -8.23 -5.56
CA MET A 352 -2.66 -8.57 -5.88
C MET A 352 -3.46 -8.62 -4.58
N ASN A 353 -4.48 -7.78 -4.47
CA ASN A 353 -5.25 -7.69 -3.22
C ASN A 353 -5.95 -8.98 -2.84
N GLU A 354 -6.02 -9.98 -3.73
CA GLU A 354 -6.60 -11.25 -3.34
C GLU A 354 -5.73 -11.95 -2.31
N TYR A 355 -4.41 -11.64 -2.27
CA TYR A 355 -3.53 -12.37 -1.37
C TYR A 355 -3.44 -11.65 -0.03
N PRO A 356 -3.52 -12.38 1.09
CA PRO A 356 -3.42 -11.70 2.41
C PRO A 356 -2.21 -10.78 2.55
N VAL A 357 -1.02 -11.22 2.12
CA VAL A 357 0.16 -10.40 2.41
C VAL A 357 0.11 -9.08 1.65
N ALA A 358 -0.57 -9.05 0.49
CA ALA A 358 -0.72 -7.80 -0.25
C ALA A 358 -1.56 -6.81 0.53
N ARG A 359 -2.65 -7.30 1.12
CA ARG A 359 -3.46 -6.46 1.99
C ARG A 359 -2.66 -6.05 3.24
N HIS A 360 -1.82 -6.95 3.77
CA HIS A 360 -1.00 -6.56 4.92
C HIS A 360 -0.01 -5.45 4.53
N TYR A 361 0.51 -5.48 3.31
CA TYR A 361 1.42 -4.41 2.90
C TYR A 361 0.70 -3.05 2.86
N ARG A 362 -0.55 -3.00 2.38
CA ARG A 362 -1.28 -1.73 2.37
C ARG A 362 -1.70 -1.33 3.79
N ASP A 363 -2.27 -2.27 4.55
CA ASP A 363 -2.86 -1.95 5.84
C ASP A 363 -1.81 -1.47 6.85
N SER A 364 -0.60 -2.01 6.79
CA SER A 364 0.32 -1.88 7.92
C SER A 364 0.90 -0.47 8.07
N LYS A 365 0.83 0.38 7.04
CA LYS A 365 1.50 1.68 7.13
C LYS A 365 0.95 2.51 8.29
N ILE A 366 -0.36 2.42 8.56
CA ILE A 366 -0.95 3.18 9.64
C ILE A 366 -0.50 2.66 11.02
N LEU A 367 0.06 1.43 11.09
CA LEU A 367 0.57 0.93 12.36
C LEU A 367 1.78 1.73 12.87
N GLU A 368 2.51 2.42 11.97
CA GLU A 368 3.62 3.28 12.37
C GLU A 368 3.17 4.69 12.73
N ILE A 369 1.89 4.98 12.56
CA ILE A 369 1.36 6.33 12.67
C ILE A 369 0.34 6.45 13.81
N GLY A 370 -0.58 5.49 13.93
CA GLY A 370 -1.60 5.55 14.96
C GLY A 370 -1.07 5.03 16.30
N GLU A 371 -1.89 5.19 17.33
CA GLU A 371 -1.50 4.81 18.68
C GLU A 371 -0.13 5.41 19.03
N GLY A 372 0.07 6.64 18.60
CA GLY A 372 1.33 7.32 18.83
C GLY A 372 2.34 6.96 17.77
N THR A 373 2.76 7.95 16.97
CA THR A 373 3.70 7.72 15.89
C THR A 373 5.02 7.18 16.42
N THR A 374 5.80 6.56 15.53
CA THR A 374 7.14 6.13 15.90
C THR A 374 7.91 7.26 16.55
N GLU A 375 7.81 8.46 16.00
CA GLU A 375 8.55 9.58 16.57
C GLU A 375 8.07 9.87 17.99
N VAL A 376 6.77 9.70 18.26
CA VAL A 376 6.24 9.93 19.61
C VAL A 376 6.73 8.86 20.58
N GLN A 377 6.80 7.60 20.13
CA GLN A 377 7.31 6.53 20.98
C GLN A 377 8.77 6.78 21.31
N LEU A 378 9.55 7.24 20.33
CA LEU A 378 10.96 7.51 20.57
C LEU A 378 11.11 8.66 21.56
N MET A 379 10.22 9.66 21.46
CA MET A 379 10.24 10.76 22.41
C MET A 379 10.02 10.25 23.83
N LEU A 380 9.00 9.40 24.02
CA LEU A 380 8.72 8.84 25.34
C LEU A 380 9.91 8.03 25.86
N ILE A 381 10.44 7.12 25.04
CA ILE A 381 11.60 6.34 25.45
C ILE A 381 12.75 7.25 25.83
N ALA A 382 12.99 8.28 25.01
CA ALA A 382 14.05 9.23 25.31
C ALA A 382 13.81 9.90 26.64
N ARG A 383 12.59 10.40 26.88
CA ARG A 383 12.35 11.07 28.15
C ARG A 383 12.60 10.11 29.30
N SER A 384 12.24 8.83 29.14
CA SER A 384 12.47 7.88 30.23
C SER A 384 13.95 7.72 30.59
N LEU A 385 14.86 8.09 29.69
CA LEU A 385 16.30 8.03 29.95
C LEU A 385 16.87 9.32 30.50
N GLY A 386 16.10 10.40 30.50
CA GLY A 386 16.58 11.70 30.92
C GLY A 386 16.99 12.60 29.77
N LEU A 387 16.44 12.37 28.58
CA LEU A 387 16.74 13.13 27.38
C LEU A 387 15.52 13.93 26.92
N THR B 9 26.64 17.98 -15.66
CA THR B 9 25.58 18.86 -16.19
C THR B 9 24.96 18.28 -17.46
N LEU B 10 23.64 18.49 -17.61
CA LEU B 10 22.84 17.93 -18.70
C LEU B 10 22.87 18.85 -19.92
N PRO B 11 23.09 18.30 -21.12
CA PRO B 11 23.08 19.11 -22.35
C PRO B 11 21.72 19.75 -22.61
N LYS B 12 21.73 20.76 -23.48
CA LYS B 12 20.52 21.54 -23.74
C LYS B 12 19.37 20.65 -24.18
N GLU B 13 19.61 19.82 -25.20
CA GLU B 13 18.54 18.99 -25.76
C GLU B 13 17.86 18.18 -24.67
N TYR B 14 18.65 17.57 -23.77
CA TYR B 14 18.07 16.77 -22.69
C TYR B 14 17.41 17.66 -21.63
N GLN B 15 18.09 18.75 -21.24
CA GLN B 15 17.53 19.64 -20.22
C GLN B 15 16.22 20.27 -20.68
N ASP B 16 16.12 20.60 -21.98
CA ASP B 16 14.87 21.12 -22.51
C ASP B 16 13.76 20.10 -22.40
N LEU B 17 14.04 18.85 -22.80
CA LEU B 17 13.02 17.80 -22.69
C LEU B 17 12.62 17.57 -21.24
N ARG B 18 13.60 17.54 -20.33
CA ARG B 18 13.26 17.35 -18.92
C ARG B 18 12.30 18.43 -18.45
N ASP B 19 12.53 19.67 -18.85
CA ASP B 19 11.68 20.77 -18.42
C ASP B 19 10.27 20.64 -19.01
N THR B 20 10.16 20.22 -20.27
CA THR B 20 8.85 20.11 -20.89
C THR B 20 8.00 19.00 -20.26
N VAL B 21 8.59 17.82 -20.03
CA VAL B 21 7.81 16.74 -19.44
C VAL B 21 7.47 17.08 -18.00
N ALA B 22 8.41 17.68 -17.27
CA ALA B 22 8.12 18.07 -15.90
C ALA B 22 6.98 19.07 -15.85
N ASP B 23 6.99 20.04 -16.75
CA ASP B 23 5.88 20.96 -16.90
C ASP B 23 4.58 20.21 -17.22
N PHE B 24 4.65 19.27 -18.15
CA PHE B 24 3.51 18.38 -18.44
C PHE B 24 3.04 17.68 -17.18
N ALA B 25 3.98 17.15 -16.40
CA ALA B 25 3.64 16.35 -15.23
C ALA B 25 2.87 17.15 -14.19
N ARG B 26 3.26 18.41 -13.97
CA ARG B 26 2.60 19.22 -12.95
C ARG B 26 1.26 19.78 -13.43
N SER B 27 1.17 20.19 -14.70
CA SER B 27 0.00 20.89 -15.23
C SER B 27 -1.09 19.97 -15.77
N VAL B 28 -0.72 18.86 -16.38
CA VAL B 28 -1.67 17.96 -17.04
C VAL B 28 -1.87 16.68 -16.23
N VAL B 29 -0.78 16.02 -15.85
CA VAL B 29 -0.91 14.69 -15.25
C VAL B 29 -1.38 14.78 -13.80
N ALA B 30 -0.73 15.61 -12.98
CA ALA B 30 -1.07 15.68 -11.57
C ALA B 30 -2.52 16.05 -11.28
N PRO B 31 -3.17 16.99 -11.98
CA PRO B 31 -4.55 17.32 -11.63
C PRO B 31 -5.52 16.15 -11.73
N VAL B 32 -5.26 15.16 -12.59
CA VAL B 32 -6.19 14.04 -12.78
C VAL B 32 -5.68 12.75 -12.14
N SER B 33 -4.51 12.75 -11.50
CA SER B 33 -3.95 11.51 -10.95
C SER B 33 -4.84 10.91 -9.88
N ALA B 34 -5.41 11.74 -9.00
CA ALA B 34 -6.23 11.19 -7.94
C ALA B 34 -7.50 10.59 -8.50
N LYS B 35 -8.10 11.24 -9.52
CA LYS B 35 -9.33 10.75 -10.12
C LYS B 35 -9.16 9.36 -10.72
N HIS B 36 -8.16 9.18 -11.59
CA HIS B 36 -7.95 7.87 -12.22
C HIS B 36 -7.56 6.82 -11.18
N ASP B 37 -6.80 7.21 -10.16
CA ASP B 37 -6.45 6.23 -9.15
C ASP B 37 -7.69 5.74 -8.41
N GLU B 38 -8.55 6.68 -7.99
CA GLU B 38 -9.78 6.28 -7.32
C GLU B 38 -10.68 5.46 -8.25
N GLU B 39 -10.80 5.88 -9.51
CA GLU B 39 -11.73 5.22 -10.40
C GLU B 39 -11.17 3.95 -11.03
N HIS B 40 -9.86 3.72 -10.95
CA HIS B 40 -9.20 2.65 -11.73
C HIS B 40 -9.43 2.86 -13.23
N SER B 41 -9.46 4.11 -13.67
CA SER B 41 -9.78 4.40 -15.07
C SER B 41 -8.53 4.79 -15.82
N PHE B 42 -8.32 4.15 -16.96
CA PHE B 42 -7.15 4.40 -17.76
C PHE B 42 -7.16 5.85 -18.24
N PRO B 43 -6.05 6.55 -18.12
CA PRO B 43 -6.00 7.98 -18.51
C PRO B 43 -5.74 8.18 -20.00
N TYR B 44 -6.77 7.93 -20.82
CA TYR B 44 -6.61 8.07 -22.27
C TYR B 44 -6.20 9.49 -22.65
N GLU B 45 -6.77 10.49 -21.96
CA GLU B 45 -6.46 11.87 -22.31
C GLU B 45 -5.00 12.21 -22.01
N VAL B 46 -4.41 11.59 -20.98
CA VAL B 46 -3.00 11.83 -20.71
C VAL B 46 -2.13 11.08 -21.72
N VAL B 47 -2.51 9.85 -22.06
CA VAL B 47 -1.74 9.06 -23.02
C VAL B 47 -1.74 9.71 -24.40
N ALA B 48 -2.88 10.29 -24.82
CA ALA B 48 -2.92 10.93 -26.14
C ALA B 48 -2.04 12.17 -26.19
N LYS B 49 -2.03 12.95 -25.11
CA LYS B 49 -1.17 14.14 -25.06
C LYS B 49 0.31 13.74 -24.98
N MET B 50 0.63 12.66 -24.25
CA MET B 50 2.01 12.16 -24.28
C MET B 50 2.38 11.72 -25.69
N GLY B 51 1.45 11.07 -26.37
CA GLY B 51 1.71 10.62 -27.73
C GLY B 51 1.98 11.78 -28.66
N GLU B 52 1.20 12.86 -28.55
CA GLU B 52 1.41 14.02 -29.40
C GLU B 52 2.71 14.76 -29.08
N MET B 53 3.16 14.70 -27.82
CA MET B 53 4.50 15.17 -27.48
C MET B 53 5.56 14.30 -28.11
N GLY B 54 5.25 13.07 -28.47
N GLY B 54 5.25 13.07 -28.47
CA GLY B 54 6.20 12.16 -29.06
CA GLY B 54 6.20 12.17 -29.06
C GLY B 54 6.96 11.30 -28.08
C GLY B 54 6.97 11.32 -28.08
N LEU B 55 6.55 11.28 -26.81
CA LEU B 55 7.25 10.47 -25.80
C LEU B 55 7.26 8.99 -26.16
N PHE B 56 6.22 8.50 -26.82
CA PHE B 56 6.22 7.10 -27.25
C PHE B 56 7.18 6.86 -28.41
N GLY B 57 7.68 7.92 -29.05
CA GLY B 57 8.62 7.78 -30.12
C GLY B 57 10.03 8.22 -29.79
N LEU B 58 10.30 8.56 -28.52
CA LEU B 58 11.61 9.09 -28.15
C LEU B 58 12.79 8.20 -28.54
N PRO B 59 12.80 6.89 -28.26
CA PRO B 59 14.02 6.14 -28.57
C PRO B 59 14.01 5.48 -29.94
N PHE B 60 13.28 6.07 -30.89
CA PHE B 60 13.11 5.49 -32.22
C PHE B 60 13.38 6.52 -33.31
N PRO B 61 13.97 6.10 -34.43
CA PRO B 61 14.25 7.04 -35.52
C PRO B 61 12.98 7.56 -36.18
N GLU B 62 13.08 8.78 -36.74
CA GLU B 62 11.96 9.38 -37.46
C GLU B 62 11.47 8.50 -38.59
N GLU B 63 12.26 7.50 -38.97
CA GLU B 63 11.91 6.60 -40.07
C GLU B 63 10.60 5.87 -39.80
N TYR B 64 10.54 5.10 -38.72
CA TYR B 64 9.35 4.31 -38.39
C TYR B 64 8.27 5.13 -37.68
N GLY B 65 8.42 6.44 -37.61
CA GLY B 65 7.45 7.30 -36.95
C GLY B 65 7.91 7.87 -35.62
N GLY B 66 9.08 7.48 -35.13
CA GLY B 66 9.59 7.94 -33.86
C GLY B 66 10.19 9.34 -33.97
N MET B 67 10.71 9.82 -32.84
CA MET B 67 11.24 11.18 -32.74
C MET B 67 12.74 11.28 -32.92
N GLY B 68 13.42 10.16 -33.13
CA GLY B 68 14.87 10.20 -33.28
C GLY B 68 15.67 10.59 -32.05
N GLY B 69 15.22 10.22 -30.86
CA GLY B 69 15.96 10.46 -29.62
C GLY B 69 16.64 9.18 -29.18
N ASP B 70 16.71 8.96 -27.87
CA ASP B 70 17.37 7.77 -27.34
C ASP B 70 16.65 7.32 -26.08
N TYR B 71 17.13 6.20 -25.51
CA TYR B 71 16.49 5.66 -24.32
C TYR B 71 16.77 6.53 -23.09
N PHE B 72 17.89 7.26 -23.08
CA PHE B 72 18.14 8.16 -21.97
C PHE B 72 17.14 9.31 -21.99
N ALA B 73 16.83 9.82 -23.18
CA ALA B 73 15.78 10.82 -23.30
C ALA B 73 14.46 10.29 -22.77
N LEU B 74 14.11 9.06 -23.13
CA LEU B 74 12.92 8.45 -22.55
C LEU B 74 13.05 8.35 -21.03
N ALA B 75 14.24 8.01 -20.54
CA ALA B 75 14.45 7.85 -19.11
C ALA B 75 14.17 9.15 -18.36
N LEU B 76 14.69 10.27 -18.88
CA LEU B 76 14.42 11.58 -18.28
C LEU B 76 12.92 11.86 -18.21
N ALA B 77 12.17 11.50 -19.25
CA ALA B 77 10.74 11.74 -19.23
C ALA B 77 10.07 10.85 -18.18
N LEU B 78 10.51 9.60 -18.08
CA LEU B 78 9.88 8.69 -17.11
C LEU B 78 10.15 9.13 -15.68
N GLU B 79 11.34 9.67 -15.41
CA GLU B 79 11.59 10.21 -14.07
C GLU B 79 10.61 11.33 -13.75
N GLU B 80 10.40 12.25 -14.69
CA GLU B 80 9.51 13.36 -14.43
C GLU B 80 8.07 12.87 -14.26
N LEU B 81 7.65 11.89 -15.05
CA LEU B 81 6.31 11.35 -14.88
C LEU B 81 6.21 10.50 -13.61
N GLY B 82 7.27 9.74 -13.29
CA GLY B 82 7.25 8.93 -12.08
C GLY B 82 7.08 9.75 -10.82
N LYS B 83 7.57 10.99 -10.83
CA LYS B 83 7.41 11.86 -9.67
C LYS B 83 5.96 12.01 -9.27
N VAL B 84 5.06 11.96 -10.25
CA VAL B 84 3.69 12.44 -10.10
C VAL B 84 2.67 11.29 -10.12
N ASP B 85 2.81 10.36 -11.07
CA ASP B 85 1.82 9.29 -11.25
C ASP B 85 2.49 8.08 -11.90
N GLN B 86 2.63 7.00 -11.13
CA GLN B 86 3.35 5.82 -11.61
C GLN B 86 2.57 5.12 -12.73
N SER B 87 1.24 5.10 -12.62
CA SER B 87 0.42 4.47 -13.64
C SER B 87 0.67 5.10 -15.01
N VAL B 88 0.79 6.43 -15.05
CA VAL B 88 1.05 7.09 -16.34
C VAL B 88 2.45 6.76 -16.83
N ALA B 89 3.44 6.82 -15.93
CA ALA B 89 4.80 6.50 -16.30
C ALA B 89 4.94 5.05 -16.77
N ILE B 90 4.32 4.11 -16.05
CA ILE B 90 4.51 2.72 -16.46
C ILE B 90 3.79 2.44 -17.76
N THR B 91 2.73 3.18 -18.07
CA THR B 91 2.08 3.00 -19.36
C THR B 91 3.02 3.39 -20.48
N LEU B 92 3.71 4.53 -20.31
CA LEU B 92 4.70 4.93 -21.30
C LEU B 92 5.84 3.92 -21.34
N GLU B 93 6.38 3.59 -20.15
CA GLU B 93 7.52 2.68 -20.06
C GLU B 93 7.23 1.34 -20.71
N ALA B 94 6.06 0.75 -20.39
CA ALA B 94 5.76 -0.58 -20.89
C ALA B 94 5.39 -0.54 -22.36
N GLY B 95 4.72 0.53 -22.79
CA GLY B 95 4.39 0.66 -24.20
C GLY B 95 5.64 0.65 -25.06
N VAL B 96 6.62 1.49 -24.71
CA VAL B 96 7.85 1.57 -25.49
C VAL B 96 8.66 0.28 -25.34
N GLY B 97 8.93 -0.12 -24.10
CA GLY B 97 9.84 -1.22 -23.88
C GLY B 97 9.28 -2.59 -24.17
N LEU B 98 8.00 -2.82 -23.89
CA LEU B 98 7.43 -4.15 -24.08
C LEU B 98 6.52 -4.26 -25.30
N GLY B 99 6.06 -3.15 -25.86
CA GLY B 99 5.20 -3.23 -27.02
C GLY B 99 5.94 -3.00 -28.32
N ALA B 100 6.55 -1.83 -28.41
CA ALA B 100 7.20 -1.39 -29.65
C ALA B 100 8.60 -1.97 -29.79
N MET B 101 9.37 -2.00 -28.70
CA MET B 101 10.76 -2.43 -28.79
C MET B 101 10.97 -3.83 -29.36
N PRO B 102 10.18 -4.85 -29.01
CA PRO B 102 10.41 -6.16 -29.64
C PRO B 102 10.11 -6.17 -31.14
N ILE B 103 9.20 -5.31 -31.59
CA ILE B 103 8.92 -5.19 -33.02
C ILE B 103 9.95 -4.32 -33.71
N TYR B 104 10.41 -3.26 -33.04
CA TYR B 104 11.39 -2.38 -33.68
C TYR B 104 12.73 -3.07 -33.84
N ARG B 105 13.13 -3.84 -32.85
CA ARG B 105 14.45 -4.44 -32.85
C ARG B 105 14.48 -5.78 -33.56
N PHE B 106 13.32 -6.40 -33.81
CA PHE B 106 13.33 -7.74 -34.42
C PHE B 106 12.32 -7.92 -35.55
N GLY B 107 11.74 -6.84 -36.06
CA GLY B 107 10.70 -6.94 -37.08
C GLY B 107 11.22 -6.43 -38.41
N ASN B 108 10.72 -7.03 -39.50
CA ASN B 108 11.15 -6.69 -40.85
C ASN B 108 10.62 -5.32 -41.22
N GLU B 109 10.95 -4.86 -42.44
CA GLU B 109 10.45 -3.57 -42.87
C GLU B 109 8.92 -3.53 -42.83
N GLU B 110 8.28 -4.63 -43.20
CA GLU B 110 6.81 -4.66 -43.24
C GLU B 110 6.23 -4.63 -41.84
N GLN B 111 6.69 -5.52 -40.94
CA GLN B 111 6.17 -5.54 -39.57
C GLN B 111 6.36 -4.20 -38.88
N LYS B 112 7.57 -3.63 -38.98
CA LYS B 112 7.80 -2.34 -38.37
C LYS B 112 6.91 -1.28 -39.01
N SER B 113 6.79 -1.30 -40.34
CA SER B 113 5.97 -0.30 -41.03
C SER B 113 4.48 -0.48 -40.77
N LYS B 114 4.02 -1.69 -40.44
CA LYS B 114 2.60 -1.90 -40.19
C LYS B 114 2.19 -1.48 -38.76
N TRP B 115 3.01 -1.79 -37.76
CA TRP B 115 2.59 -1.60 -36.37
C TRP B 115 3.25 -0.44 -35.64
N LEU B 116 4.56 -0.27 -35.78
CA LEU B 116 5.27 0.77 -35.05
C LEU B 116 4.71 2.19 -35.19
N PRO B 117 4.28 2.67 -36.38
CA PRO B 117 3.88 4.09 -36.46
C PRO B 117 2.81 4.48 -35.46
N ASP B 118 1.82 3.63 -35.23
CA ASP B 118 0.79 3.91 -34.24
C ASP B 118 1.35 3.83 -32.82
N LEU B 119 2.14 2.78 -32.54
CA LEU B 119 2.73 2.65 -31.21
C LEU B 119 3.61 3.86 -30.92
N LEU B 120 4.51 4.17 -31.84
CA LEU B 120 5.46 5.25 -31.66
C LEU B 120 4.79 6.61 -31.56
N ALA B 121 3.54 6.73 -32.04
CA ALA B 121 2.82 7.99 -31.99
C ALA B 121 1.80 8.06 -30.86
N GLY B 122 1.74 7.07 -29.98
CA GLY B 122 0.79 7.12 -28.89
C GLY B 122 -0.66 6.91 -29.29
N ARG B 123 -0.93 6.62 -30.57
CA ARG B 123 -2.28 6.32 -31.04
C ARG B 123 -2.73 4.91 -30.67
N ALA B 124 -1.79 4.03 -30.34
CA ALA B 124 -2.06 2.66 -29.96
C ALA B 124 -1.01 2.18 -28.97
N LEU B 125 -1.34 1.09 -28.28
CA LEU B 125 -0.45 0.49 -27.30
C LEU B 125 -0.30 -1.00 -27.62
N ALA B 126 0.88 -1.54 -27.34
CA ALA B 126 1.11 -2.97 -27.50
C ALA B 126 1.68 -3.51 -26.20
N GLY B 127 1.43 -4.80 -25.94
CA GLY B 127 1.91 -5.45 -24.74
C GLY B 127 2.68 -6.70 -25.08
N PHE B 128 3.41 -7.21 -24.09
CA PHE B 128 4.21 -8.42 -24.23
C PHE B 128 3.69 -9.47 -23.26
N GLY B 129 3.28 -10.61 -23.79
CA GLY B 129 2.75 -11.67 -22.96
C GLY B 129 3.69 -12.83 -22.76
N LEU B 130 4.41 -12.83 -21.63
CA LEU B 130 5.35 -13.91 -21.34
C LEU B 130 4.94 -14.70 -20.11
N THR B 131 4.71 -14.02 -18.98
CA THR B 131 4.33 -14.68 -17.74
C THR B 131 3.05 -15.49 -17.92
N GLU B 132 2.99 -16.65 -17.27
CA GLU B 132 1.82 -17.51 -17.32
C GLU B 132 1.41 -17.91 -15.91
N PRO B 133 0.14 -18.25 -15.70
CA PRO B 133 -0.28 -18.75 -14.39
C PRO B 133 0.43 -20.06 -14.08
N GLY B 134 1.05 -20.12 -12.91
CA GLY B 134 1.72 -21.33 -12.51
C GLY B 134 3.10 -21.53 -13.10
N ALA B 135 3.54 -20.65 -14.01
CA ALA B 135 4.79 -20.83 -14.71
C ALA B 135 5.85 -19.91 -14.11
N GLY B 136 7.10 -20.33 -14.20
CA GLY B 136 8.18 -19.59 -13.60
C GLY B 136 8.92 -18.70 -14.57
N SER B 137 8.23 -18.30 -15.64
CA SER B 137 8.77 -17.38 -16.64
C SER B 137 10.12 -17.82 -17.19
N ASP B 138 10.50 -19.07 -16.93
CA ASP B 138 11.69 -19.63 -17.55
C ASP B 138 11.33 -20.12 -18.94
N ALA B 139 12.35 -20.48 -19.71
CA ALA B 139 12.08 -21.11 -20.99
C ALA B 139 11.35 -22.44 -20.79
N GLY B 140 11.72 -23.18 -19.75
CA GLY B 140 11.08 -24.45 -19.45
C GLY B 140 9.63 -24.36 -19.02
N SER B 141 9.17 -23.19 -18.56
CA SER B 141 7.85 -23.11 -17.96
C SER B 141 6.72 -22.78 -18.94
N THR B 142 7.04 -22.32 -20.16
CA THR B 142 6.00 -21.76 -21.03
C THR B 142 5.10 -22.87 -21.58
N ARG B 143 3.88 -22.93 -21.08
CA ARG B 143 2.94 -23.97 -21.48
C ARG B 143 2.01 -23.52 -22.61
N THR B 144 2.15 -22.29 -23.11
CA THR B 144 1.32 -21.79 -24.21
C THR B 144 1.85 -22.32 -25.54
N THR B 145 1.06 -23.15 -26.21
CA THR B 145 1.50 -23.83 -27.44
C THR B 145 1.02 -23.09 -28.69
N ALA B 146 1.86 -23.13 -29.74
CA ALA B 146 1.52 -22.54 -31.04
C ALA B 146 1.86 -23.47 -32.21
N ARG B 147 0.91 -23.62 -33.16
CA ARG B 147 1.05 -24.54 -34.28
C ARG B 147 0.80 -23.80 -35.59
N LEU B 148 1.67 -24.05 -36.58
CA LEU B 148 1.60 -23.38 -37.87
C LEU B 148 0.76 -24.19 -38.86
N ASP B 149 -0.26 -23.56 -39.47
CA ASP B 149 -1.06 -24.23 -40.49
C ASP B 149 -1.19 -23.35 -41.73
N GLY B 150 -0.47 -23.68 -42.79
CA GLY B 150 -0.50 -22.89 -44.00
C GLY B 150 0.12 -21.51 -43.87
N GLY B 151 -0.69 -20.48 -44.10
CA GLY B 151 -0.26 -19.11 -43.93
C GLY B 151 -0.73 -18.44 -42.66
N GLU B 152 -1.26 -19.20 -41.68
CA GLU B 152 -1.76 -18.65 -40.43
C GLU B 152 -1.18 -19.40 -39.24
N TRP B 153 -0.99 -18.67 -38.12
CA TRP B 153 -0.61 -19.24 -36.82
C TRP B 153 -1.83 -19.52 -35.96
N VAL B 154 -1.81 -20.63 -35.21
CA VAL B 154 -2.90 -21.03 -34.30
C VAL B 154 -2.38 -21.20 -32.88
N VAL B 155 -2.91 -20.40 -31.93
CA VAL B 155 -2.37 -20.27 -30.57
C VAL B 155 -3.38 -20.76 -29.54
N ASN B 156 -2.88 -21.48 -28.53
CA ASN B 156 -3.69 -22.00 -27.42
C ASN B 156 -2.93 -21.80 -26.11
N GLY B 157 -3.51 -21.06 -25.17
CA GLY B 157 -2.83 -20.83 -23.91
C GLY B 157 -3.43 -19.70 -23.09
N SER B 158 -2.64 -19.27 -22.10
CA SER B 158 -3.08 -18.24 -21.16
C SER B 158 -1.88 -17.46 -20.63
N LYS B 159 -2.04 -16.16 -20.50
CA LYS B 159 -1.01 -15.27 -19.97
C LYS B 159 -1.54 -14.52 -18.75
N GLN B 160 -0.60 -14.05 -17.91
CA GLN B 160 -0.91 -13.41 -16.64
C GLN B 160 -0.18 -12.07 -16.50
N PHE B 161 -0.87 -11.09 -15.91
CA PHE B 161 -0.34 -9.76 -15.58
C PHE B 161 0.22 -9.01 -16.79
N ILE B 162 -0.52 -8.94 -17.89
CA ILE B 162 0.01 -8.33 -19.11
C ILE B 162 -0.42 -6.87 -19.17
N THR B 163 0.56 -5.96 -19.13
CA THR B 163 0.29 -4.52 -19.15
C THR B 163 -0.13 -4.07 -20.56
N ASN B 164 -1.04 -3.10 -20.60
CA ASN B 164 -1.46 -2.46 -21.85
C ASN B 164 -2.16 -3.41 -22.81
N SER B 165 -2.68 -4.53 -22.30
CA SER B 165 -3.17 -5.57 -23.19
C SER B 165 -4.65 -5.47 -23.48
N GLY B 166 -5.38 -4.59 -22.80
CA GLY B 166 -6.82 -4.56 -22.98
C GLY B 166 -7.43 -3.19 -22.96
N THR B 167 -6.68 -2.17 -23.39
CA THR B 167 -7.24 -0.84 -23.52
C THR B 167 -8.05 -0.71 -24.81
N ASP B 168 -8.81 0.38 -24.92
CA ASP B 168 -9.53 0.65 -26.15
C ASP B 168 -8.60 1.00 -27.30
N ILE B 169 -7.31 1.17 -27.04
CA ILE B 169 -6.36 1.52 -28.09
C ILE B 169 -5.28 0.46 -28.22
N THR B 170 -5.48 -0.72 -27.65
CA THR B 170 -4.51 -1.79 -27.83
C THR B 170 -4.68 -2.41 -29.21
N SER B 171 -3.58 -2.42 -29.96
CA SER B 171 -3.54 -2.94 -31.32
C SER B 171 -3.09 -4.40 -31.39
N LEU B 172 -2.16 -4.79 -30.53
CA LEU B 172 -1.61 -6.13 -30.60
C LEU B 172 -0.99 -6.48 -29.26
N VAL B 173 -0.73 -7.77 -29.09
CA VAL B 173 0.05 -8.27 -27.98
C VAL B 173 1.02 -9.26 -28.58
N THR B 174 2.31 -8.94 -28.52
CA THR B 174 3.35 -9.91 -28.87
C THR B 174 3.46 -10.92 -27.73
N ILE B 175 3.42 -12.21 -28.06
CA ILE B 175 3.37 -13.25 -27.04
C ILE B 175 4.53 -14.22 -27.27
N THR B 176 4.85 -14.97 -26.22
CA THR B 176 5.76 -16.10 -26.31
C THR B 176 4.95 -17.39 -26.37
N ALA B 177 5.39 -18.31 -27.22
CA ALA B 177 4.70 -19.58 -27.40
C ALA B 177 5.71 -20.64 -27.80
N VAL B 178 5.58 -21.82 -27.20
CA VAL B 178 6.50 -22.93 -27.46
C VAL B 178 6.21 -23.55 -28.82
N THR B 179 7.24 -23.63 -29.66
CA THR B 179 7.14 -24.28 -30.96
C THR B 179 8.42 -25.04 -31.28
N ILE B 189 10.44 -21.90 -29.32
CA ILE B 189 9.71 -20.79 -28.72
C ILE B 189 10.15 -19.46 -29.33
N SER B 190 9.25 -18.82 -30.07
CA SER B 190 9.50 -17.51 -30.67
C SER B 190 8.41 -16.53 -30.23
N THR B 191 8.43 -15.35 -30.84
CA THR B 191 7.51 -14.27 -30.53
C THR B 191 6.52 -14.11 -31.68
N ILE B 192 5.22 -14.10 -31.33
CA ILE B 192 4.11 -14.01 -32.28
C ILE B 192 3.26 -12.79 -31.95
N ILE B 193 2.97 -11.98 -32.97
CA ILE B 193 2.15 -10.79 -32.83
C ILE B 193 0.68 -11.17 -33.04
N VAL B 194 -0.12 -11.09 -31.97
CA VAL B 194 -1.54 -11.39 -32.00
C VAL B 194 -2.30 -10.06 -31.99
N PRO B 195 -2.94 -9.65 -33.09
CA PRO B 195 -3.72 -8.41 -33.04
C PRO B 195 -4.92 -8.55 -32.10
N SER B 196 -5.27 -7.44 -31.48
CA SER B 196 -6.44 -7.43 -30.63
C SER B 196 -7.70 -7.47 -31.50
N GLY B 197 -8.67 -8.29 -31.08
CA GLY B 197 -9.81 -8.62 -31.90
C GLY B 197 -9.73 -9.98 -32.57
N THR B 198 -8.60 -10.67 -32.47
CA THR B 198 -8.49 -12.02 -33.01
C THR B 198 -9.49 -12.94 -32.29
N PRO B 199 -10.27 -13.75 -33.02
CA PRO B 199 -11.41 -14.45 -32.40
C PRO B 199 -11.03 -15.30 -31.20
N GLY B 200 -9.94 -16.07 -31.29
CA GLY B 200 -9.53 -16.83 -30.13
C GLY B 200 -8.94 -16.02 -28.99
N PHE B 201 -8.67 -14.72 -29.22
CA PHE B 201 -7.97 -13.87 -28.25
C PHE B 201 -9.00 -13.20 -27.34
N ILE B 202 -9.01 -13.59 -26.07
CA ILE B 202 -9.92 -13.05 -25.06
C ILE B 202 -9.14 -12.27 -24.00
N VAL B 203 -9.56 -11.04 -23.75
CA VAL B 203 -9.00 -10.20 -22.68
C VAL B 203 -9.84 -10.35 -21.42
N GLU B 204 -9.30 -11.02 -20.39
CA GLU B 204 -10.06 -11.23 -19.17
C GLU B 204 -10.08 -9.95 -18.35
N PRO B 205 -11.00 -9.84 -17.39
CA PRO B 205 -11.11 -8.59 -16.64
C PRO B 205 -9.87 -8.26 -15.81
N VAL B 206 -9.70 -6.96 -15.59
CA VAL B 206 -8.58 -6.39 -14.88
C VAL B 206 -8.42 -7.00 -13.50
N TYR B 207 -7.23 -6.87 -12.95
CA TYR B 207 -6.95 -7.34 -11.61
C TYR B 207 -7.30 -6.26 -10.60
N ASN B 208 -7.52 -6.69 -9.37
CA ASN B 208 -7.57 -5.77 -8.25
C ASN B 208 -6.16 -5.77 -7.65
N LYS B 209 -5.37 -4.74 -7.98
CA LYS B 209 -3.95 -4.71 -7.64
C LYS B 209 -3.71 -3.80 -6.46
N VAL B 210 -2.62 -4.08 -5.71
CA VAL B 210 -2.24 -3.20 -4.60
C VAL B 210 -2.15 -1.77 -5.07
N GLY B 211 -1.58 -1.56 -6.27
CA GLY B 211 -1.37 -0.25 -6.83
C GLY B 211 -1.37 -0.22 -8.34
N TRP B 212 -0.83 0.85 -8.94
CA TRP B 212 -0.95 1.07 -10.38
C TRP B 212 -2.40 0.91 -10.81
N ASN B 213 -3.31 1.55 -10.06
CA ASN B 213 -4.72 1.30 -10.28
C ASN B 213 -5.14 1.74 -11.67
N ALA B 214 -4.59 2.85 -12.16
CA ALA B 214 -4.95 3.38 -13.48
C ALA B 214 -4.27 2.65 -14.62
N SER B 215 -3.25 1.85 -14.34
CA SER B 215 -2.51 1.12 -15.36
C SER B 215 -3.30 -0.10 -15.80
N ASP B 216 -3.33 -0.36 -17.11
CA ASP B 216 -4.10 -1.46 -17.66
C ASP B 216 -3.35 -2.79 -17.49
N THR B 217 -4.00 -3.76 -16.86
CA THR B 217 -3.39 -5.07 -16.61
C THR B 217 -4.47 -6.14 -16.72
N HIS B 218 -4.17 -7.23 -17.42
CA HIS B 218 -5.16 -8.25 -17.74
C HIS B 218 -4.53 -9.64 -17.79
N PRO B 219 -5.30 -10.68 -17.46
CA PRO B 219 -4.95 -12.03 -17.91
C PRO B 219 -5.45 -12.23 -19.33
N LEU B 220 -4.69 -13.01 -20.11
CA LEU B 220 -5.01 -13.28 -21.51
C LEU B 220 -5.27 -14.76 -21.73
N SER B 221 -6.21 -15.08 -22.61
CA SER B 221 -6.50 -16.46 -22.95
C SER B 221 -6.65 -16.63 -24.46
N PHE B 222 -6.11 -17.73 -24.98
CA PHE B 222 -6.12 -18.01 -26.41
C PHE B 222 -6.71 -19.38 -26.65
N ASP B 223 -7.85 -19.43 -27.35
CA ASP B 223 -8.51 -20.66 -27.78
C ASP B 223 -8.61 -20.67 -29.31
N ASP B 224 -7.61 -21.26 -29.97
CA ASP B 224 -7.59 -21.41 -31.44
C ASP B 224 -7.69 -20.06 -32.15
N ALA B 225 -6.85 -19.12 -31.72
CA ALA B 225 -6.79 -17.83 -32.39
C ALA B 225 -5.90 -17.93 -33.64
N ARG B 226 -6.34 -17.30 -34.73
CA ARG B 226 -5.62 -17.33 -36.00
C ARG B 226 -5.06 -15.95 -36.34
N VAL B 227 -3.80 -15.91 -36.75
CA VAL B 227 -3.13 -14.69 -37.21
C VAL B 227 -2.22 -15.02 -38.40
N PRO B 228 -1.94 -14.04 -39.25
CA PRO B 228 -1.16 -14.30 -40.46
C PRO B 228 0.24 -14.84 -40.19
N GLU B 229 0.79 -15.51 -41.22
CA GLU B 229 2.14 -16.04 -41.13
C GLU B 229 3.17 -14.93 -40.99
N GLU B 230 2.92 -13.80 -41.65
CA GLU B 230 3.83 -12.66 -41.59
C GLU B 230 3.95 -12.07 -40.19
N ASN B 231 3.16 -12.55 -39.21
CA ASN B 231 3.16 -12.03 -37.84
C ASN B 231 4.25 -12.59 -36.94
N LEU B 232 5.05 -13.53 -37.42
CA LEU B 232 6.17 -14.03 -36.62
C LEU B 232 7.16 -12.90 -36.34
N LEU B 233 7.44 -12.67 -35.06
CA LEU B 233 8.39 -11.63 -34.67
C LEU B 233 9.76 -12.25 -34.55
N GLY B 234 10.68 -11.82 -35.42
CA GLY B 234 12.01 -12.35 -35.44
C GLY B 234 12.05 -13.72 -36.07
N ILE B 235 13.16 -14.42 -35.85
CA ILE B 235 13.37 -15.76 -36.41
C ILE B 235 12.67 -16.79 -35.53
N ARG B 236 12.12 -17.82 -36.16
CA ARG B 236 11.55 -18.94 -35.43
C ARG B 236 12.58 -19.49 -34.43
N GLY B 237 12.19 -19.50 -33.17
CA GLY B 237 13.00 -20.06 -32.11
C GLY B 237 13.86 -19.08 -31.35
N LYS B 238 13.92 -17.82 -31.80
CA LYS B 238 14.83 -16.82 -31.24
C LYS B 238 14.11 -15.71 -30.47
N GLY B 239 12.81 -15.84 -30.22
CA GLY B 239 12.04 -14.75 -29.63
C GLY B 239 12.34 -14.49 -28.17
N TYR B 240 12.52 -15.55 -27.39
CA TYR B 240 12.93 -15.37 -26.01
C TYR B 240 14.35 -14.81 -25.92
N ALA B 241 15.25 -15.31 -26.77
CA ALA B 241 16.60 -14.76 -26.82
C ALA B 241 16.57 -13.28 -27.20
N ASN B 242 15.70 -12.91 -28.15
CA ASN B 242 15.53 -11.50 -28.50
C ASN B 242 15.09 -10.68 -27.31
N PHE B 243 14.18 -11.23 -26.48
CA PHE B 243 13.67 -10.50 -25.33
C PHE B 243 14.77 -10.21 -24.33
N LEU B 244 15.56 -11.23 -24.00
CA LEU B 244 16.63 -11.09 -23.02
C LEU B 244 17.65 -10.03 -23.46
N SER B 245 17.87 -9.90 -24.76
CA SER B 245 18.87 -8.99 -25.30
C SER B 245 18.43 -7.53 -25.27
N ILE B 246 17.15 -7.25 -25.02
CA ILE B 246 16.70 -5.87 -24.86
C ILE B 246 16.09 -5.66 -23.48
N LEU B 247 16.41 -6.54 -22.53
CA LEU B 247 15.88 -6.34 -21.19
C LEU B 247 16.58 -5.21 -20.49
N ASP B 248 17.86 -4.99 -20.81
CA ASP B 248 18.67 -4.08 -20.03
C ASP B 248 18.21 -2.64 -20.18
N GLU B 249 17.68 -2.27 -21.34
CA GLU B 249 17.16 -0.91 -21.50
C GLU B 249 15.98 -0.67 -20.55
N GLY B 250 15.17 -1.70 -20.31
CA GLY B 250 14.02 -1.53 -19.44
C GLY B 250 14.40 -1.35 -17.98
N ARG B 251 15.51 -1.96 -17.56
CA ARG B 251 16.02 -1.74 -16.20
C ARG B 251 16.37 -0.27 -15.99
N ILE B 252 17.01 0.34 -16.99
CA ILE B 252 17.31 1.78 -16.93
C ILE B 252 16.00 2.58 -16.88
N ALA B 253 15.05 2.23 -17.73
CA ALA B 253 13.80 2.98 -17.84
C ALA B 253 13.03 2.95 -16.52
N ILE B 254 12.95 1.77 -15.89
CA ILE B 254 12.22 1.69 -14.63
C ILE B 254 13.06 2.23 -13.48
N ALA B 255 14.39 2.19 -13.61
CA ALA B 255 15.22 2.84 -12.60
C ALA B 255 14.95 4.33 -12.60
N ALA B 256 14.73 4.92 -13.78
CA ALA B 256 14.42 6.33 -13.86
C ALA B 256 13.04 6.62 -13.29
N LEU B 257 12.06 5.76 -13.61
CA LEU B 257 10.73 5.89 -13.03
C LEU B 257 10.80 5.79 -11.52
N ALA B 258 11.51 4.78 -11.00
CA ALA B 258 11.60 4.61 -9.55
C ALA B 258 12.31 5.78 -8.90
N THR B 259 13.32 6.33 -9.57
CA THR B 259 13.99 7.52 -9.09
C THR B 259 13.03 8.70 -9.00
N GLY B 260 12.18 8.86 -10.03
CA GLY B 260 11.21 9.93 -9.98
C GLY B 260 10.29 9.79 -8.79
N VAL B 261 9.81 8.57 -8.53
CA VAL B 261 9.00 8.29 -7.36
C VAL B 261 9.70 8.77 -6.09
N ALA B 262 10.97 8.38 -5.94
CA ALA B 262 11.72 8.75 -4.75
C ALA B 262 11.80 10.26 -4.60
N GLN B 263 12.00 10.96 -5.72
CA GLN B 263 12.08 12.42 -5.69
C GLN B 263 10.72 13.04 -5.42
N GLY B 264 9.67 12.50 -6.03
CA GLY B 264 8.33 13.00 -5.76
C GLY B 264 7.99 12.92 -4.29
N CYS B 265 8.39 11.83 -3.64
CA CYS B 265 8.20 11.69 -2.19
C CYS B 265 8.97 12.75 -1.41
N VAL B 266 10.19 13.09 -1.84
CA VAL B 266 10.91 14.23 -1.22
C VAL B 266 10.11 15.50 -1.42
N ASP B 267 9.82 15.82 -2.68
CA ASP B 267 9.11 17.05 -3.04
C ASP B 267 7.85 17.22 -2.21
N GLU B 268 7.01 16.19 -2.15
CA GLU B 268 5.78 16.29 -1.36
C GLU B 268 6.10 16.44 0.12
N SER B 269 7.07 15.67 0.62
CA SER B 269 7.37 15.75 2.05
C SER B 269 7.94 17.11 2.39
N VAL B 270 8.75 17.69 1.51
CA VAL B 270 9.26 19.03 1.74
C VAL B 270 8.11 20.03 1.77
N LYS B 271 7.22 19.92 0.78
CA LYS B 271 6.04 20.78 0.75
C LYS B 271 5.22 20.62 2.02
N TYR B 272 4.99 19.37 2.44
CA TYR B 272 4.15 19.12 3.60
C TYR B 272 4.83 19.58 4.89
N ALA B 273 6.14 19.40 4.99
CA ALA B 273 6.84 19.78 6.23
C ALA B 273 6.87 21.29 6.44
N LYS B 274 6.74 22.09 5.38
CA LYS B 274 6.73 23.54 5.57
C LYS B 274 5.35 24.05 5.98
N GLU B 275 4.28 23.31 5.65
CA GLU B 275 2.93 23.74 5.99
C GLU B 275 2.50 23.22 7.37
N ARG B 276 2.70 21.93 7.62
CA ARG B 276 2.18 21.31 8.84
C ARG B 276 2.92 21.78 10.07
N GLN B 277 2.17 22.16 11.10
CA GLN B 277 2.69 22.68 12.35
C GLN B 277 2.60 21.62 13.45
N SER B 278 3.53 21.69 14.40
CA SER B 278 3.46 20.87 15.61
C SER B 278 4.13 21.64 16.74
N PHE B 279 3.33 21.98 17.77
CA PHE B 279 3.78 22.76 18.94
C PHE B 279 4.30 24.15 18.53
N GLY B 280 3.70 24.72 17.47
CA GLY B 280 3.96 26.09 17.04
C GLY B 280 4.97 26.25 15.91
N GLN B 281 5.68 25.18 15.54
CA GLN B 281 6.67 25.26 14.48
C GLN B 281 6.38 24.27 13.36
N PRO B 282 6.78 24.56 12.13
CA PRO B 282 6.64 23.57 11.07
C PRO B 282 7.38 22.28 11.45
N ILE B 283 6.80 21.13 11.07
CA ILE B 283 7.37 19.87 11.52
C ILE B 283 8.79 19.66 10.99
N GLY B 284 9.14 20.34 9.89
CA GLY B 284 10.51 20.29 9.38
C GLY B 284 11.54 20.98 10.26
N SER B 285 11.09 21.76 11.25
CA SER B 285 11.98 22.37 12.24
C SER B 285 12.52 21.35 13.24
N TYR B 286 11.85 20.20 13.36
CA TYR B 286 12.30 19.15 14.24
C TYR B 286 13.26 18.24 13.47
N GLN B 287 14.43 17.98 14.05
CA GLN B 287 15.44 17.24 13.33
C GLN B 287 14.93 15.88 12.85
N ALA B 288 14.10 15.21 13.65
CA ALA B 288 13.65 13.88 13.24
C ALA B 288 12.92 13.95 11.89
N ILE B 289 12.21 15.04 11.60
CA ILE B 289 11.55 15.12 10.31
C ILE B 289 12.54 15.64 9.25
N SER B 290 13.30 16.70 9.57
CA SER B 290 14.15 17.30 8.54
C SER B 290 15.28 16.36 8.16
N PHE B 291 15.82 15.62 9.13
CA PHE B 291 16.87 14.64 8.80
C PHE B 291 16.31 13.49 7.97
N LYS B 292 15.10 13.01 8.30
CA LYS B 292 14.49 11.95 7.50
C LYS B 292 14.29 12.41 6.05
N ILE B 293 13.86 13.65 5.85
CA ILE B 293 13.68 14.13 4.49
C ILE B 293 15.03 14.32 3.81
N ALA B 294 16.04 14.76 4.57
CA ALA B 294 17.36 14.92 3.99
C ALA B 294 17.91 13.58 3.51
N ARG B 295 17.74 12.54 4.31
CA ARG B 295 18.15 11.22 3.84
C ARG B 295 17.37 10.82 2.58
N MET B 296 16.07 11.09 2.52
CA MET B 296 15.28 10.76 1.33
C MET B 296 15.86 11.41 0.08
N GLU B 297 16.30 12.66 0.21
CA GLU B 297 16.85 13.39 -0.94
C GLU B 297 18.18 12.76 -1.36
N ALA B 298 18.97 12.30 -0.38
CA ALA B 298 20.19 11.58 -0.70
C ALA B 298 19.87 10.29 -1.45
N ARG B 299 18.88 9.52 -0.99
CA ARG B 299 18.55 8.28 -1.70
C ARG B 299 18.17 8.57 -3.16
N ALA B 300 17.32 9.58 -3.38
CA ALA B 300 16.88 9.87 -4.73
C ALA B 300 18.05 10.32 -5.59
N HIS B 301 18.97 11.09 -5.01
CA HIS B 301 20.11 11.61 -5.74
C HIS B 301 21.03 10.49 -6.21
N VAL B 302 21.41 9.56 -5.31
CA VAL B 302 22.30 8.50 -5.76
C VAL B 302 21.58 7.55 -6.71
N ALA B 303 20.28 7.31 -6.51
CA ALA B 303 19.53 6.57 -7.52
C ALA B 303 19.67 7.26 -8.88
N ARG B 304 19.61 8.60 -8.91
CA ARG B 304 19.69 9.32 -10.18
C ARG B 304 21.08 9.24 -10.79
N THR B 305 22.15 9.37 -9.99
CA THR B 305 23.49 9.18 -10.55
C THR B 305 23.67 7.75 -11.05
N ALA B 306 23.07 6.78 -10.35
CA ALA B 306 23.21 5.38 -10.77
C ALA B 306 22.64 5.17 -12.18
N TYR B 307 21.42 5.63 -12.43
CA TYR B 307 20.86 5.36 -13.74
C TYR B 307 21.42 6.30 -14.80
N TYR B 308 21.84 7.51 -14.44
CA TYR B 308 22.56 8.32 -15.43
C TYR B 308 23.80 7.59 -15.90
N GLU B 309 24.55 7.03 -14.96
CA GLU B 309 25.74 6.28 -15.34
C GLU B 309 25.38 5.10 -16.23
N ALA B 310 24.31 4.38 -15.88
CA ALA B 310 23.88 3.26 -16.72
C ALA B 310 23.56 3.73 -18.13
N ALA B 311 22.76 4.78 -18.25
CA ALA B 311 22.42 5.29 -19.58
C ALA B 311 23.66 5.79 -20.32
N ALA B 312 24.60 6.40 -19.61
CA ALA B 312 25.79 6.90 -20.29
C ALA B 312 26.53 5.77 -21.00
N LYS B 313 26.67 4.63 -20.32
CA LYS B 313 27.34 3.49 -20.95
C LYS B 313 26.57 2.99 -22.15
N MET B 314 25.25 2.87 -22.02
CA MET B 314 24.41 2.42 -23.12
C MET B 314 24.54 3.33 -24.33
N LEU B 315 24.47 4.65 -24.12
CA LEU B 315 24.53 5.58 -25.23
C LEU B 315 25.90 5.57 -25.90
N ALA B 316 26.95 5.28 -25.13
CA ALA B 316 28.29 5.16 -25.71
C ALA B 316 28.53 3.81 -26.39
N GLY B 317 27.56 2.90 -26.38
CA GLY B 317 27.76 1.58 -26.96
C GLY B 317 28.55 0.62 -26.10
N LYS B 318 28.85 0.97 -24.85
CA LYS B 318 29.58 0.10 -23.96
C LYS B 318 28.62 -0.86 -23.28
N PRO B 319 29.12 -1.93 -22.67
CA PRO B 319 28.24 -2.80 -21.88
C PRO B 319 27.60 -2.01 -20.75
N PHE B 320 26.31 -2.29 -20.49
CA PHE B 320 25.60 -1.60 -19.42
C PHE B 320 24.68 -2.51 -18.63
N LYS B 321 24.78 -3.83 -18.80
CA LYS B 321 23.90 -4.75 -18.09
C LYS B 321 24.08 -4.64 -16.58
N LYS B 322 25.34 -4.69 -16.13
CA LYS B 322 25.58 -4.63 -14.69
C LYS B 322 25.13 -3.30 -14.11
N GLU B 323 25.43 -2.21 -14.80
CA GLU B 323 25.08 -0.90 -14.30
C GLU B 323 23.57 -0.73 -14.24
N ALA B 324 22.86 -1.25 -15.24
CA ALA B 324 21.40 -1.18 -15.25
C ALA B 324 20.80 -1.99 -14.12
N ALA B 325 21.33 -3.19 -13.86
CA ALA B 325 20.81 -4.02 -12.79
C ALA B 325 20.97 -3.34 -11.44
N ILE B 326 22.16 -2.77 -11.19
CA ILE B 326 22.37 -1.99 -9.98
C ILE B 326 21.43 -0.79 -9.94
N ALA B 327 21.37 -0.04 -11.05
CA ALA B 327 20.49 1.12 -11.10
C ALA B 327 19.05 0.75 -10.77
N LYS B 328 18.54 -0.35 -11.35
CA LYS B 328 17.15 -0.70 -11.10
C LYS B 328 16.92 -1.13 -9.64
N MET B 329 17.78 -2.01 -9.12
CA MET B 329 17.61 -2.43 -7.73
C MET B 329 17.64 -1.23 -6.78
N ILE B 330 18.69 -0.43 -6.86
CA ILE B 330 18.89 0.67 -5.92
C ILE B 330 17.75 1.68 -6.03
N SER B 331 17.34 1.99 -7.27
CA SER B 331 16.23 2.92 -7.51
C SER B 331 14.96 2.40 -6.86
N SER B 332 14.61 1.15 -7.16
CA SER B 332 13.39 0.57 -6.61
C SER B 332 13.40 0.65 -5.09
N GLU B 333 14.58 0.49 -4.49
CA GLU B 333 14.68 0.57 -3.02
C GLU B 333 14.59 2.01 -2.54
N ALA B 334 15.06 2.98 -3.34
CA ALA B 334 14.89 4.38 -2.97
C ALA B 334 13.42 4.78 -3.02
N ALA B 335 12.66 4.26 -3.99
CA ALA B 335 11.22 4.54 -4.07
C ALA B 335 10.47 3.97 -2.87
N MET B 336 10.67 2.68 -2.59
CA MET B 336 10.01 2.04 -1.45
C MET B 336 10.37 2.75 -0.14
N ASP B 337 11.68 2.99 0.07
CA ASP B 337 12.08 3.61 1.33
C ASP B 337 11.54 5.03 1.44
N ASN B 338 11.61 5.81 0.34
CA ASN B 338 11.12 7.19 0.39
C ASN B 338 9.61 7.22 0.50
N ALA B 339 8.90 6.22 -0.04
CA ALA B 339 7.45 6.22 0.12
C ALA B 339 7.05 5.92 1.56
N ARG B 340 7.74 4.99 2.21
CA ARG B 340 7.44 4.71 3.61
C ARG B 340 7.79 5.90 4.49
N ASP B 341 8.86 6.61 4.16
CA ASP B 341 9.20 7.80 4.93
C ASP B 341 8.28 8.95 4.59
N ALA B 342 7.91 9.10 3.31
CA ALA B 342 7.05 10.20 2.92
C ALA B 342 5.69 10.09 3.59
N THR B 343 5.12 8.88 3.64
CA THR B 343 3.85 8.72 4.33
C THR B 343 3.98 8.96 5.83
N GLN B 344 5.13 8.62 6.43
CA GLN B 344 5.34 8.95 7.85
C GLN B 344 5.31 10.47 8.06
N VAL B 345 5.98 11.22 7.16
CA VAL B 345 6.02 12.68 7.27
C VAL B 345 4.61 13.27 7.20
N HIS B 346 3.73 12.69 6.36
CA HIS B 346 2.36 13.17 6.17
C HIS B 346 1.41 12.73 7.28
N GLY B 347 1.85 11.89 8.21
CA GLY B 347 0.96 11.54 9.30
C GLY B 347 -0.26 10.82 8.78
N GLY B 348 -1.42 11.12 9.37
CA GLY B 348 -2.65 10.49 8.95
C GLY B 348 -2.92 10.64 7.47
N TYR B 349 -2.53 11.77 6.89
CA TYR B 349 -2.72 11.97 5.47
C TYR B 349 -1.89 10.99 4.64
N GLY B 350 -0.80 10.46 5.19
CA GLY B 350 -0.03 9.43 4.52
C GLY B 350 -0.81 8.16 4.28
N PHE B 351 -1.96 8.00 4.93
CA PHE B 351 -2.82 6.84 4.77
C PHE B 351 -4.06 7.15 3.92
N MET B 352 -4.03 8.26 3.16
CA MET B 352 -5.19 8.70 2.38
C MET B 352 -4.81 8.74 0.91
N ASN B 353 -5.49 7.94 0.08
CA ASN B 353 -5.20 7.85 -1.35
C ASN B 353 -5.33 9.18 -2.08
N GLU B 354 -5.88 10.19 -1.41
CA GLU B 354 -5.97 11.54 -1.97
C GLU B 354 -4.60 12.17 -2.15
N TYR B 355 -3.63 11.78 -1.33
CA TYR B 355 -2.30 12.40 -1.35
C TYR B 355 -1.35 11.60 -2.22
N PRO B 356 -0.54 12.27 -3.04
CA PRO B 356 0.41 11.54 -3.90
C PRO B 356 1.28 10.52 -3.17
N VAL B 357 1.86 10.87 -2.01
CA VAL B 357 2.81 9.92 -1.41
C VAL B 357 2.10 8.65 -0.96
N ALA B 358 0.81 8.74 -0.62
CA ALA B 358 0.05 7.53 -0.28
C ALA B 358 -0.04 6.60 -1.46
N ARG B 359 -0.37 7.14 -2.65
CA ARG B 359 -0.42 6.32 -3.83
C ARG B 359 0.97 5.75 -4.16
N HIS B 360 2.03 6.52 -3.89
CA HIS B 360 3.39 6.03 -4.11
C HIS B 360 3.72 4.87 -3.18
N TYR B 361 3.23 4.90 -1.94
CA TYR B 361 3.49 3.78 -1.03
C TYR B 361 2.87 2.49 -1.56
N ARG B 362 1.63 2.56 -2.07
CA ARG B 362 1.01 1.38 -2.64
C ARG B 362 1.71 0.99 -3.95
N ASP B 363 1.93 1.97 -4.84
CA ASP B 363 2.41 1.64 -6.16
C ASP B 363 3.80 1.00 -6.13
N SER B 364 4.67 1.43 -5.22
CA SER B 364 6.09 1.14 -5.37
C SER B 364 6.45 -0.31 -5.10
N LYS B 365 5.57 -1.11 -4.49
CA LYS B 365 5.98 -2.48 -4.19
C LYS B 365 6.37 -3.24 -5.45
N ILE B 366 5.67 -2.98 -6.57
CA ILE B 366 5.91 -3.70 -7.79
C ILE B 366 7.25 -3.31 -8.40
N LEU B 367 7.82 -2.17 -8.02
CA LEU B 367 9.11 -1.79 -8.56
C LEU B 367 10.24 -2.73 -8.12
N GLU B 368 10.10 -3.41 -6.97
CA GLU B 368 11.10 -4.38 -6.51
C GLU B 368 10.90 -5.75 -7.13
N ILE B 369 9.83 -5.90 -7.91
CA ILE B 369 9.41 -7.20 -8.40
C ILE B 369 9.44 -7.27 -9.93
N GLY B 370 8.94 -6.23 -10.62
CA GLY B 370 8.92 -6.27 -12.07
C GLY B 370 10.27 -5.91 -12.67
N GLU B 371 10.42 -6.08 -13.99
CA GLU B 371 11.70 -5.80 -14.65
C GLU B 371 12.85 -6.54 -13.97
N GLY B 372 12.58 -7.78 -13.54
CA GLY B 372 13.55 -8.58 -12.84
C GLY B 372 13.55 -8.26 -11.36
N THR B 373 13.16 -9.23 -10.52
CA THR B 373 13.08 -9.01 -9.09
C THR B 373 14.43 -8.60 -8.54
N THR B 374 14.40 -8.05 -7.34
CA THR B 374 15.65 -7.76 -6.63
C THR B 374 16.55 -8.98 -6.59
N GLU B 375 15.98 -10.15 -6.32
CA GLU B 375 16.77 -11.37 -6.28
C GLU B 375 17.41 -11.63 -7.63
N VAL B 376 16.72 -11.31 -8.72
CA VAL B 376 17.28 -11.50 -10.06
C VAL B 376 18.42 -10.53 -10.30
N GLN B 377 18.28 -9.27 -9.86
CA GLN B 377 19.36 -8.31 -10.04
C GLN B 377 20.60 -8.72 -9.26
N LEU B 378 20.41 -9.23 -8.05
CA LEU B 378 21.54 -9.67 -7.24
C LEU B 378 22.21 -10.88 -7.87
N MET B 379 21.43 -11.80 -8.46
CA MET B 379 22.04 -12.91 -9.16
C MET B 379 22.91 -12.43 -10.30
N LEU B 380 22.40 -11.48 -11.10
CA LEU B 380 23.17 -10.94 -12.21
C LEU B 380 24.44 -10.28 -11.70
N ILE B 381 24.33 -9.40 -10.71
CA ILE B 381 25.53 -8.77 -10.18
C ILE B 381 26.50 -9.82 -9.68
N ALA B 382 25.98 -10.84 -8.98
CA ALA B 382 26.86 -11.88 -8.45
C ALA B 382 27.62 -12.60 -9.57
N ARG B 383 26.92 -13.04 -10.63
CA ARG B 383 27.59 -13.68 -11.76
C ARG B 383 28.65 -12.79 -12.37
N SER B 384 28.42 -11.47 -12.39
CA SER B 384 29.41 -10.57 -12.98
C SER B 384 30.73 -10.59 -12.22
N LEU B 385 30.73 -11.01 -10.94
CA LEU B 385 31.94 -11.13 -10.14
C LEU B 385 32.53 -12.52 -10.16
N GLY B 386 31.80 -13.50 -10.69
CA GLY B 386 32.25 -14.88 -10.72
C GLY B 386 31.71 -15.76 -9.61
N LEU B 387 30.56 -15.41 -9.03
CA LEU B 387 29.99 -16.11 -7.90
C LEU B 387 28.74 -16.91 -8.29
#